data_7EIJ
#
_entry.id   7EIJ
#
_cell.length_a   85.932
_cell.length_b   80.093
_cell.length_c   88.036
_cell.angle_alpha   90.00
_cell.angle_beta   90.47
_cell.angle_gamma   90.00
#
_symmetry.space_group_name_H-M   'P 1 21 1'
#
loop_
_entity.id
_entity.type
_entity.pdbx_description
1 polymer 'FAD dependent L-Lys oxidase'
2 non-polymer 'FLAVIN-ADENINE DINUCLEOTIDE'
3 non-polymer ARGININE
4 water water
#
_entity_poly.entity_id   1
_entity_poly.type   'polypeptide(L)'
_entity_poly.pdbx_seq_one_letter_code
;MGNKNTPLNSGKHPDLKIEVAIIGAGTSGLYTAYRLVTDKKFKAHDVQIFDMNNKLGGRLESVIMPGMNFWGELGGMRYL
TSQQIVTTLIEGYPLSEKDPNKRTPVLKDKMTPVPFPMGDPSKLLMYLRKERFKQNAWNEAQKKGEKLPTRYYLNENDLG
FSSDQLFNKIIYDVLMADPWVAETYGSKIIKGSSVYDYSFKLTSRDWDDIKPKLVYNFPNSPYDQRKVNDIGFWNLIKDQ
VSQEGYEFLANAGGYYSNTINWNSAEAFPYMVGDFSAGTIYKTIEEGYDSIAYAVANSYMEHEGACIWSENKLLTFTKDH
PLTNTHKYELTFLNLKTNTQWKVYANSIVLAMPRKSLELLDQNNFFFNINKNSVLNNNIRSVIMEPAFAILMGFEYPWWK
ELGIDSGHSITDLPMRQCYYFGTDPETNNSMLLGSYGDMETETFWKALSDDKVLFEVKAAKSASLRELHQLDDVQATKLM
VGELMNQLRELHGDTVTIPEPYVTYFKDWTDEPFGAGYHAWKAGFSVENVMPYMRKPLTDEQIHICGEAYSDQQGWVEGA
FCEAEKMLQEYFGLDRPYWLSPDYYLGWEHHHHHH
;
_entity_poly.pdbx_strand_id   A,B
#
loop_
_chem_comp.id
_chem_comp.type
_chem_comp.name
_chem_comp.formula
FAD non-polymer 'FLAVIN-ADENINE DINUCLEOTIDE' 'C27 H33 N9 O15 P2'
#
# COMPACT_ATOMS: atom_id res chain seq x y z
N ASN A 3 33.46 -9.18 -19.37
CA ASN A 3 32.46 -10.25 -19.05
C ASN A 3 31.03 -9.67 -19.00
N LYS A 4 30.87 -8.40 -18.63
CA LYS A 4 29.55 -7.75 -18.42
C LYS A 4 29.25 -6.83 -19.60
N ASN A 5 30.00 -6.96 -20.70
CA ASN A 5 29.80 -6.17 -21.94
C ASN A 5 28.99 -6.99 -22.95
N THR A 6 28.27 -8.02 -22.50
CA THR A 6 27.32 -8.77 -23.35
C THR A 6 26.67 -7.79 -24.30
N PRO A 7 26.74 -8.01 -25.64
CA PRO A 7 26.11 -7.09 -26.58
C PRO A 7 24.59 -7.01 -26.35
N LEU A 8 24.04 -5.79 -26.38
CA LEU A 8 22.59 -5.47 -26.37
C LEU A 8 22.25 -4.71 -27.66
N ASN A 9 21.18 -5.12 -28.34
CA ASN A 9 20.72 -4.47 -29.59
C ASN A 9 19.51 -3.56 -29.29
N SER A 10 19.71 -2.24 -29.27
CA SER A 10 18.65 -1.22 -29.08
C SER A 10 17.95 -0.88 -30.41
N GLY A 11 18.37 -1.50 -31.52
CA GLY A 11 17.71 -1.38 -32.82
C GLY A 11 16.43 -2.18 -32.91
N LYS A 12 15.93 -2.36 -34.13
CA LYS A 12 14.74 -3.21 -34.42
C LYS A 12 15.02 -4.02 -35.69
N HIS A 13 14.14 -4.99 -35.96
CA HIS A 13 14.10 -5.88 -37.15
C HIS A 13 12.63 -6.10 -37.51
N PRO A 14 12.00 -5.12 -38.20
CA PRO A 14 10.58 -5.24 -38.55
C PRO A 14 10.26 -6.62 -39.15
N ASP A 15 9.16 -7.22 -38.68
CA ASP A 15 8.61 -8.51 -39.15
C ASP A 15 9.64 -9.65 -38.96
N LEU A 16 10.51 -9.57 -37.95
CA LEU A 16 11.37 -10.70 -37.49
C LEU A 16 10.46 -11.92 -37.23
N LYS A 17 10.84 -13.08 -37.74
CA LYS A 17 10.01 -14.32 -37.68
C LYS A 17 10.82 -15.36 -36.91
N ILE A 18 10.35 -15.76 -35.73
CA ILE A 18 11.10 -16.63 -34.78
C ILE A 18 10.13 -17.68 -34.23
N GLU A 19 10.61 -18.58 -33.38
CA GLU A 19 9.75 -19.59 -32.70
C GLU A 19 9.38 -19.10 -31.28
N VAL A 20 10.35 -18.64 -30.51
CA VAL A 20 10.20 -18.35 -29.04
C VAL A 20 10.65 -16.92 -28.80
N ALA A 21 9.71 -16.04 -28.47
CA ALA A 21 9.98 -14.68 -27.95
C ALA A 21 10.01 -14.72 -26.42
N ILE A 22 11.16 -14.43 -25.81
CA ILE A 22 11.30 -14.31 -24.33
C ILE A 22 11.30 -12.82 -24.00
N ILE A 23 10.31 -12.35 -23.26
CA ILE A 23 10.21 -10.93 -22.85
C ILE A 23 10.57 -10.87 -21.36
N GLY A 24 11.71 -10.24 -21.08
CA GLY A 24 12.37 -10.18 -19.76
C GLY A 24 13.76 -10.79 -19.86
N ALA A 25 14.80 -9.96 -19.79
CA ALA A 25 16.22 -10.36 -19.76
C ALA A 25 16.67 -10.41 -18.30
N GLY A 26 15.74 -10.70 -17.39
CA GLY A 26 16.04 -11.07 -16.01
C GLY A 26 16.49 -12.52 -15.94
N THR A 27 16.70 -13.04 -14.73
CA THR A 27 17.37 -14.33 -14.53
C THR A 27 16.54 -15.44 -15.18
N SER A 28 15.22 -15.44 -15.06
CA SER A 28 14.39 -16.54 -15.60
C SER A 28 14.38 -16.49 -17.13
N GLY A 29 14.29 -15.29 -17.70
CA GLY A 29 14.25 -15.15 -19.16
C GLY A 29 15.58 -15.57 -19.77
N LEU A 30 16.70 -15.17 -19.15
CA LEU A 30 18.06 -15.52 -19.63
C LEU A 30 18.23 -17.04 -19.56
N TYR A 31 17.82 -17.63 -18.43
CA TYR A 31 17.95 -19.08 -18.17
C TYR A 31 17.13 -19.84 -19.22
N THR A 32 15.92 -19.37 -19.55
CA THR A 32 15.03 -20.02 -20.52
C THR A 32 15.78 -20.11 -21.87
N ALA A 33 16.38 -19.01 -22.31
CA ALA A 33 17.01 -18.86 -23.65
C ALA A 33 18.27 -19.74 -23.68
N TYR A 34 19.03 -19.73 -22.59
CA TYR A 34 20.27 -20.52 -22.39
C TYR A 34 19.94 -22.02 -22.51
N ARG A 35 18.89 -22.49 -21.84
CA ARG A 35 18.54 -23.92 -21.80
C ARG A 35 18.10 -24.35 -23.20
N LEU A 36 17.22 -23.55 -23.81
CA LEU A 36 16.64 -23.86 -25.14
C LEU A 36 17.74 -24.03 -26.18
N VAL A 37 18.73 -23.14 -26.22
CA VAL A 37 19.77 -23.21 -27.29
C VAL A 37 20.85 -24.24 -26.92
N THR A 38 21.22 -24.37 -25.65
CA THR A 38 22.31 -25.28 -25.19
C THR A 38 21.89 -26.74 -25.40
N ASP A 39 20.60 -27.06 -25.20
CA ASP A 39 20.04 -28.43 -25.45
C ASP A 39 19.60 -28.58 -26.91
N LYS A 40 19.79 -27.56 -27.74
CA LYS A 40 19.56 -27.56 -29.21
C LYS A 40 18.12 -27.95 -29.51
N LYS A 41 17.15 -27.45 -28.73
CA LYS A 41 15.71 -27.56 -29.05
C LYS A 41 15.39 -26.60 -30.21
N PHE A 42 16.13 -25.49 -30.31
CA PHE A 42 15.95 -24.48 -31.38
C PHE A 42 17.32 -23.90 -31.72
N LYS A 43 17.48 -23.47 -32.98
CA LYS A 43 18.63 -22.62 -33.38
C LYS A 43 18.46 -21.26 -32.70
N ALA A 44 19.57 -20.63 -32.34
CA ALA A 44 19.61 -19.40 -31.52
C ALA A 44 18.91 -18.24 -32.25
N HIS A 45 18.75 -18.25 -33.58
CA HIS A 45 18.05 -17.16 -34.30
C HIS A 45 16.53 -17.29 -34.11
N ASP A 46 16.04 -18.45 -33.65
CA ASP A 46 14.60 -18.70 -33.43
C ASP A 46 14.21 -18.48 -31.97
N VAL A 47 15.17 -18.16 -31.10
CA VAL A 47 14.94 -17.86 -29.66
C VAL A 47 15.57 -16.51 -29.34
N GLN A 48 14.73 -15.49 -29.12
CA GLN A 48 15.18 -14.08 -29.00
C GLN A 48 14.65 -13.53 -27.65
N ILE A 49 15.48 -12.76 -26.96
CA ILE A 49 15.13 -12.08 -25.69
C ILE A 49 14.90 -10.58 -25.96
N PHE A 50 13.81 -10.03 -25.41
CA PHE A 50 13.44 -8.60 -25.47
C PHE A 50 13.35 -8.03 -24.06
N ASP A 51 13.96 -6.86 -23.83
CA ASP A 51 13.84 -6.10 -22.57
C ASP A 51 13.75 -4.61 -22.84
N MET A 52 12.95 -3.91 -22.04
CA MET A 52 12.71 -2.45 -22.14
C MET A 52 13.87 -1.71 -21.45
N ASN A 53 14.63 -2.39 -20.58
CA ASN A 53 15.77 -1.80 -19.86
C ASN A 53 16.94 -1.63 -20.85
N ASN A 54 17.96 -0.89 -20.43
CA ASN A 54 19.19 -0.64 -21.22
C ASN A 54 20.29 -1.54 -20.63
N LYS A 55 19.89 -2.51 -19.83
CA LYS A 55 20.76 -3.47 -19.12
C LYS A 55 20.04 -4.81 -19.09
N LEU A 56 20.78 -5.92 -19.12
CA LEU A 56 20.21 -7.24 -18.76
C LEU A 56 20.34 -7.39 -17.25
N GLY A 57 19.57 -8.29 -16.65
CA GLY A 57 19.72 -8.71 -15.24
C GLY A 57 18.49 -8.45 -14.38
N GLY A 58 17.71 -7.44 -14.74
CA GLY A 58 16.49 -7.08 -13.99
C GLY A 58 16.85 -6.68 -12.57
N ARG A 59 16.37 -7.43 -11.59
CA ARG A 59 16.54 -7.13 -10.14
C ARG A 59 17.91 -7.59 -9.64
N LEU A 60 18.79 -8.15 -10.49
CA LEU A 60 20.24 -8.18 -10.21
C LEU A 60 20.90 -7.00 -10.90
N GLU A 61 21.51 -6.13 -10.11
CA GLU A 61 22.24 -4.95 -10.66
C GLU A 61 23.40 -4.60 -9.72
N SER A 62 24.60 -5.05 -10.09
CA SER A 62 25.86 -4.80 -9.34
C SER A 62 26.52 -3.52 -9.87
N VAL A 63 27.01 -2.67 -8.97
CA VAL A 63 27.65 -1.37 -9.33
C VAL A 63 29.00 -1.25 -8.63
N ILE A 64 29.91 -0.51 -9.27
CA ILE A 64 31.19 -0.02 -8.66
C ILE A 64 31.05 1.49 -8.55
N MET A 65 31.38 2.04 -7.38
CA MET A 65 31.36 3.50 -7.17
C MET A 65 32.81 3.97 -7.09
N PRO A 66 33.16 5.14 -7.68
CA PRO A 66 34.52 5.67 -7.61
C PRO A 66 35.03 5.73 -6.17
N GLY A 67 36.28 5.30 -6.00
CA GLY A 67 36.97 5.24 -4.71
C GLY A 67 36.81 3.89 -4.03
N MET A 68 35.90 3.05 -4.53
CA MET A 68 35.62 1.75 -3.85
C MET A 68 35.72 0.65 -4.91
N ASN A 69 36.80 -0.13 -4.83
CA ASN A 69 37.20 -1.15 -5.82
C ASN A 69 36.62 -2.49 -5.39
N PHE A 70 35.30 -2.54 -5.25
CA PHE A 70 34.51 -3.77 -5.01
C PHE A 70 33.07 -3.44 -5.37
N TRP A 71 32.31 -4.48 -5.67
CA TRP A 71 30.94 -4.36 -6.24
C TRP A 71 29.95 -4.12 -5.10
N GLY A 72 29.15 -3.08 -5.18
CA GLY A 72 27.92 -2.91 -4.37
C GLY A 72 26.72 -3.54 -5.05
N GLU A 73 25.70 -3.92 -4.29
CA GLU A 73 24.47 -4.57 -4.85
C GLU A 73 23.27 -3.62 -4.69
N LEU A 74 22.61 -3.26 -5.80
CA LEU A 74 21.32 -2.49 -5.81
C LEU A 74 20.13 -3.45 -5.65
N GLY A 75 20.32 -4.72 -6.00
CA GLY A 75 19.25 -5.73 -5.94
C GLY A 75 19.74 -6.95 -5.22
N GLY A 76 19.58 -8.13 -5.82
CA GLY A 76 20.06 -9.41 -5.25
C GLY A 76 21.53 -9.32 -4.84
N MET A 77 21.88 -9.88 -3.68
CA MET A 77 23.20 -9.85 -2.98
C MET A 77 23.84 -11.25 -2.96
N ARG A 78 23.06 -12.30 -2.76
CA ARG A 78 23.57 -13.56 -2.18
C ARG A 78 22.70 -14.77 -2.55
N TYR A 79 23.28 -15.96 -2.46
CA TYR A 79 22.55 -17.26 -2.60
C TYR A 79 22.87 -18.17 -1.41
N LEU A 80 22.06 -19.21 -1.26
CA LEU A 80 22.24 -20.34 -0.31
C LEU A 80 22.63 -21.55 -1.14
N THR A 81 23.60 -22.34 -0.67
CA THR A 81 24.14 -23.55 -1.33
C THR A 81 23.09 -24.67 -1.39
N SER A 82 21.97 -24.57 -0.66
CA SER A 82 20.81 -25.49 -0.81
C SER A 82 20.01 -25.16 -2.08
N GLN A 83 20.17 -23.96 -2.64
CA GLN A 83 19.54 -23.54 -3.92
C GLN A 83 20.39 -24.13 -5.05
N GLN A 84 20.02 -25.30 -5.56
CA GLN A 84 20.96 -26.12 -6.37
C GLN A 84 21.13 -25.53 -7.78
N ILE A 85 20.11 -24.93 -8.38
CA ILE A 85 20.29 -24.41 -9.77
C ILE A 85 21.31 -23.28 -9.71
N VAL A 86 21.12 -22.28 -8.86
CA VAL A 86 21.98 -21.08 -8.91
C VAL A 86 23.37 -21.45 -8.38
N THR A 87 23.45 -22.31 -7.37
CA THR A 87 24.73 -22.77 -6.77
C THR A 87 25.54 -23.55 -7.81
N THR A 88 24.94 -24.52 -8.50
CA THR A 88 25.62 -25.34 -9.55
C THR A 88 26.10 -24.41 -10.68
N LEU A 89 25.25 -23.50 -11.14
CA LEU A 89 25.61 -22.56 -12.24
C LEU A 89 26.82 -21.71 -11.84
N ILE A 90 26.96 -21.40 -10.55
CA ILE A 90 28.05 -20.51 -10.08
C ILE A 90 29.30 -21.37 -9.84
N GLU A 91 29.13 -22.51 -9.19
CA GLU A 91 30.26 -23.21 -8.51
C GLU A 91 30.76 -24.38 -9.34
N GLY A 92 29.98 -24.84 -10.32
CA GLY A 92 30.13 -26.15 -10.99
C GLY A 92 29.64 -27.29 -10.09
N TYR A 93 29.81 -28.52 -10.56
CA TYR A 93 29.23 -29.75 -9.96
C TYR A 93 30.32 -30.80 -9.75
N PRO A 94 30.04 -31.91 -9.00
CA PRO A 94 28.83 -32.05 -8.19
C PRO A 94 28.95 -31.26 -6.87
N LEU A 95 27.82 -30.99 -6.20
CA LEU A 95 27.80 -30.11 -5.00
C LEU A 95 28.47 -30.83 -3.82
N SER A 96 28.44 -32.18 -3.80
CA SER A 96 29.22 -33.06 -2.86
C SER A 96 30.70 -32.66 -2.85
N GLU A 97 31.32 -32.49 -4.02
CA GLU A 97 32.77 -32.11 -4.14
C GLU A 97 33.02 -30.81 -3.36
N LYS A 98 33.77 -30.91 -2.26
CA LYS A 98 34.01 -29.81 -1.29
C LYS A 98 35.27 -29.03 -1.69
N ASP A 99 36.11 -29.61 -2.56
CA ASP A 99 37.30 -28.93 -3.13
C ASP A 99 36.84 -28.17 -4.36
N PRO A 100 36.92 -26.81 -4.39
CA PRO A 100 36.43 -26.02 -5.53
C PRO A 100 37.24 -26.21 -6.82
N ASN A 101 38.46 -26.73 -6.69
CA ASN A 101 39.41 -27.02 -7.81
C ASN A 101 39.06 -28.31 -8.53
N LYS A 102 38.30 -29.21 -7.87
CA LYS A 102 37.86 -30.52 -8.42
C LYS A 102 36.41 -30.41 -8.93
N ARG A 103 35.80 -29.22 -8.83
CA ARG A 103 34.44 -28.91 -9.38
C ARG A 103 34.53 -28.83 -10.92
N THR A 104 33.50 -29.28 -11.63
CA THR A 104 33.37 -29.14 -13.12
C THR A 104 32.45 -27.96 -13.46
N PRO A 105 33.00 -26.87 -14.05
CA PRO A 105 32.21 -25.70 -14.40
C PRO A 105 31.06 -26.04 -15.36
N VAL A 106 29.95 -25.31 -15.23
CA VAL A 106 28.77 -25.36 -16.14
C VAL A 106 28.84 -24.17 -17.09
N LEU A 107 29.29 -23.02 -16.60
CA LEU A 107 29.35 -21.78 -17.41
C LEU A 107 30.81 -21.38 -17.56
N LYS A 108 31.14 -20.71 -18.66
CA LYS A 108 32.54 -20.38 -19.00
C LYS A 108 32.97 -19.16 -18.19
N ASP A 109 32.09 -18.16 -18.01
CA ASP A 109 32.46 -16.89 -17.30
C ASP A 109 33.08 -17.23 -15.94
N LYS A 110 34.19 -16.59 -15.60
CA LYS A 110 34.84 -16.73 -14.28
C LYS A 110 33.89 -16.14 -13.24
N MET A 111 33.57 -16.94 -12.22
CA MET A 111 32.81 -16.49 -11.03
C MET A 111 33.48 -17.08 -9.79
N THR A 112 33.91 -16.20 -8.87
CA THR A 112 34.62 -16.54 -7.62
C THR A 112 33.59 -16.55 -6.49
N PRO A 113 33.12 -17.73 -6.05
CA PRO A 113 32.20 -17.81 -4.92
C PRO A 113 32.94 -17.44 -3.64
N VAL A 114 32.37 -16.56 -2.83
CA VAL A 114 32.95 -16.13 -1.52
C VAL A 114 31.83 -16.16 -0.50
N PRO A 115 32.10 -16.56 0.77
CA PRO A 115 31.05 -16.53 1.80
C PRO A 115 30.48 -15.12 1.95
N PHE A 116 29.17 -15.01 2.21
CA PHE A 116 28.48 -13.73 2.53
C PHE A 116 28.79 -13.40 3.99
N PRO A 117 29.57 -12.34 4.28
CA PRO A 117 29.85 -11.96 5.66
C PRO A 117 28.53 -11.69 6.41
N MET A 118 28.27 -12.39 7.52
CA MET A 118 27.02 -12.28 8.34
C MET A 118 27.31 -11.53 9.65
N GLY A 119 28.58 -11.31 9.97
CA GLY A 119 28.98 -10.46 11.11
C GLY A 119 28.85 -11.17 12.46
N ASP A 120 28.97 -10.39 13.51
CA ASP A 120 29.16 -10.83 14.92
C ASP A 120 27.97 -10.33 15.75
N PRO A 121 27.04 -11.20 16.18
CA PRO A 121 25.91 -10.78 17.01
C PRO A 121 26.24 -9.97 18.29
N SER A 122 27.49 -10.06 18.75
CA SER A 122 28.04 -9.32 19.93
C SER A 122 28.22 -7.85 19.62
N LYS A 123 28.43 -7.51 18.34
CA LYS A 123 28.76 -6.12 17.92
C LYS A 123 27.60 -5.49 17.14
N LEU A 124 26.80 -6.29 16.44
CA LEU A 124 25.65 -5.78 15.63
C LEU A 124 24.55 -5.32 16.58
N LEU A 125 23.86 -4.25 16.17
CA LEU A 125 22.89 -3.54 17.01
C LEU A 125 21.46 -3.98 16.68
N MET A 126 20.64 -3.96 17.72
CA MET A 126 19.16 -3.99 17.63
C MET A 126 18.67 -2.76 18.42
N TYR A 127 17.99 -1.82 17.76
CA TYR A 127 17.54 -0.53 18.36
C TYR A 127 16.01 -0.44 18.26
N LEU A 128 15.30 -0.82 19.33
CA LEU A 128 13.84 -1.01 19.37
C LEU A 128 13.22 -0.20 20.51
N ARG A 129 12.21 0.61 20.19
CA ARG A 129 11.53 1.50 21.15
C ARG A 129 12.57 2.26 21.99
N LYS A 130 13.64 2.74 21.34
CA LYS A 130 14.71 3.61 21.89
C LYS A 130 15.68 2.85 22.84
N GLU A 131 15.55 1.52 22.96
CA GLU A 131 16.51 0.67 23.72
C GLU A 131 17.58 0.12 22.76
N ARG A 132 18.85 0.31 23.08
CA ARG A 132 19.96 -0.19 22.21
C ARG A 132 20.45 -1.52 22.79
N PHE A 133 20.27 -2.60 22.03
CA PHE A 133 20.78 -3.97 22.33
C PHE A 133 21.87 -4.37 21.35
N LYS A 134 22.74 -5.30 21.76
CA LYS A 134 23.52 -6.18 20.85
C LYS A 134 22.55 -7.29 20.43
N GLN A 135 22.66 -7.82 19.20
CA GLN A 135 21.75 -8.88 18.71
C GLN A 135 21.82 -10.13 19.62
N ASN A 136 22.90 -10.34 20.37
CA ASN A 136 23.04 -11.60 21.18
C ASN A 136 22.49 -11.39 22.58
N ALA A 137 21.96 -10.20 22.90
CA ALA A 137 21.49 -9.79 24.25
C ALA A 137 20.57 -10.85 24.88
N TRP A 138 19.68 -11.44 24.07
CA TRP A 138 18.66 -12.40 24.59
C TRP A 138 19.38 -13.68 25.04
N ASN A 139 20.37 -14.13 24.26
CA ASN A 139 21.16 -15.37 24.54
C ASN A 139 22.07 -15.14 25.76
N GLU A 140 22.69 -13.96 25.88
CA GLU A 140 23.57 -13.62 27.02
C GLU A 140 22.75 -13.67 28.32
N ALA A 141 21.57 -13.07 28.34
CA ALA A 141 20.64 -13.17 29.50
C ALA A 141 20.37 -14.65 29.80
N GLN A 142 20.04 -15.44 28.79
CA GLN A 142 19.60 -16.84 28.98
C GLN A 142 20.76 -17.69 29.52
N LYS A 143 22.00 -17.31 29.21
CA LYS A 143 23.21 -18.05 29.67
C LYS A 143 23.39 -17.83 31.18
N LYS A 144 22.97 -16.67 31.71
CA LYS A 144 23.01 -16.33 33.16
C LYS A 144 21.70 -16.70 33.85
N GLY A 145 20.86 -17.57 33.29
CA GLY A 145 19.58 -17.97 33.88
C GLY A 145 18.51 -16.86 33.88
N GLU A 146 18.76 -15.72 33.21
CA GLU A 146 17.85 -14.54 33.17
C GLU A 146 16.95 -14.52 31.92
N LYS A 147 15.90 -13.71 31.97
CA LYS A 147 14.97 -13.41 30.85
C LYS A 147 15.12 -11.93 30.55
N LEU A 148 15.75 -11.58 29.42
CA LEU A 148 15.98 -10.16 29.01
C LEU A 148 14.62 -9.46 28.94
N PRO A 149 14.43 -8.35 29.69
CA PRO A 149 13.24 -7.52 29.53
C PRO A 149 13.41 -6.63 28.29
N THR A 150 12.32 -6.37 27.56
CA THR A 150 12.29 -5.38 26.44
C THR A 150 11.12 -4.42 26.68
N ARG A 151 11.01 -3.37 25.86
CA ARG A 151 9.90 -2.38 25.94
C ARG A 151 8.68 -2.89 25.13
N TYR A 152 8.67 -4.18 24.75
CA TYR A 152 7.48 -4.87 24.20
C TYR A 152 6.87 -5.72 25.32
N TYR A 153 5.55 -5.68 25.45
CA TYR A 153 4.80 -6.40 26.52
C TYR A 153 4.34 -7.72 25.95
N LEU A 154 5.27 -8.69 25.88
CA LEU A 154 5.00 -10.05 25.39
C LEU A 154 4.03 -10.74 26.33
N ASN A 155 3.32 -11.76 25.85
CA ASN A 155 2.64 -12.71 26.75
C ASN A 155 3.68 -13.28 27.73
N GLU A 156 3.24 -13.70 28.92
CA GLU A 156 4.18 -14.02 30.03
C GLU A 156 5.05 -15.20 29.62
N ASN A 157 4.47 -16.19 28.94
CA ASN A 157 5.13 -17.46 28.53
C ASN A 157 6.16 -17.24 27.40
N ASP A 158 6.22 -16.04 26.82
CA ASP A 158 7.20 -15.69 25.75
C ASP A 158 8.30 -14.83 26.33
N LEU A 159 8.22 -14.45 27.61
CA LEU A 159 9.17 -13.44 28.17
C LEU A 159 10.61 -13.95 27.96
N GLY A 160 11.53 -13.07 27.56
CA GLY A 160 12.96 -13.39 27.43
C GLY A 160 13.31 -14.06 26.11
N PHE A 161 12.34 -14.45 25.27
CA PHE A 161 12.58 -15.02 23.91
C PHE A 161 13.11 -13.93 22.97
N SER A 162 14.11 -14.30 22.14
CA SER A 162 14.56 -13.55 20.93
C SER A 162 13.53 -13.73 19.82
N SER A 163 13.62 -12.90 18.77
CA SER A 163 12.72 -13.00 17.60
C SER A 163 12.92 -14.38 16.94
N ASP A 164 14.17 -14.79 16.70
CA ASP A 164 14.48 -16.14 16.16
C ASP A 164 13.78 -17.20 17.00
N GLN A 165 14.00 -17.21 18.33
CA GLN A 165 13.49 -18.28 19.22
C GLN A 165 11.95 -18.24 19.20
N LEU A 166 11.37 -17.05 19.28
CA LEU A 166 9.89 -16.90 19.36
C LEU A 166 9.27 -17.34 18.04
N PHE A 167 9.87 -16.97 16.90
CA PHE A 167 9.42 -17.46 15.57
C PHE A 167 9.42 -19.00 15.52
N ASN A 168 10.49 -19.61 16.01
CA ASN A 168 10.64 -21.09 16.00
C ASN A 168 9.54 -21.72 16.84
N LYS A 169 9.31 -21.18 18.04
CA LYS A 169 8.28 -21.68 19.00
C LYS A 169 6.88 -21.58 18.36
N ILE A 170 6.57 -20.46 17.72
CA ILE A 170 5.26 -20.26 17.00
C ILE A 170 5.07 -21.38 15.99
N ILE A 171 6.05 -21.58 15.13
CA ILE A 171 5.94 -22.55 14.00
C ILE A 171 5.87 -23.97 14.58
N TYR A 172 6.72 -24.29 15.56
CA TYR A 172 6.69 -25.58 16.32
C TYR A 172 5.27 -25.79 16.85
N ASP A 173 4.75 -24.82 17.60
CA ASP A 173 3.45 -24.97 18.30
C ASP A 173 2.35 -25.21 17.25
N VAL A 174 2.37 -24.48 16.15
CA VAL A 174 1.28 -24.63 15.14
C VAL A 174 1.42 -26.00 14.48
N LEU A 175 2.65 -26.41 14.16
CA LEU A 175 2.90 -27.70 13.47
C LEU A 175 2.44 -28.83 14.39
N MET A 176 2.89 -28.81 15.64
CA MET A 176 2.71 -29.95 16.57
C MET A 176 1.26 -30.05 17.05
N ALA A 177 0.47 -28.97 16.96
CA ALA A 177 -0.97 -28.98 17.35
C ALA A 177 -1.79 -29.70 16.29
N ASP A 178 -1.28 -29.87 15.07
CA ASP A 178 -1.96 -30.68 14.03
C ASP A 178 -1.54 -32.14 14.23
N PRO A 179 -2.46 -33.03 14.66
CA PRO A 179 -2.07 -34.37 15.07
C PRO A 179 -1.48 -35.17 13.91
N TRP A 180 -2.00 -34.95 12.68
CA TRP A 180 -1.44 -35.58 11.46
C TRP A 180 0.02 -35.16 11.28
N VAL A 181 0.34 -33.87 11.48
CA VAL A 181 1.73 -33.36 11.29
C VAL A 181 2.61 -33.94 12.41
N ALA A 182 2.17 -33.82 13.67
CA ALA A 182 2.83 -34.40 14.86
C ALA A 182 3.24 -35.86 14.58
N GLU A 183 2.26 -36.71 14.22
CA GLU A 183 2.48 -38.14 13.97
C GLU A 183 3.47 -38.33 12.82
N THR A 184 3.21 -37.71 11.67
CA THR A 184 3.92 -37.98 10.40
C THR A 184 5.32 -37.36 10.44
N TYR A 185 5.51 -36.20 11.09
CA TYR A 185 6.75 -35.42 10.94
C TYR A 185 7.37 -34.99 12.27
N GLY A 186 6.85 -35.47 13.40
CA GLY A 186 7.34 -35.09 14.75
C GLY A 186 8.84 -35.33 14.92
N SER A 187 9.39 -36.36 14.27
CA SER A 187 10.84 -36.69 14.35
C SER A 187 11.69 -35.55 13.77
N LYS A 188 11.10 -34.66 12.98
CA LYS A 188 11.82 -33.57 12.26
C LYS A 188 11.45 -32.20 12.82
N ILE A 189 10.64 -32.17 13.89
CA ILE A 189 10.11 -30.94 14.56
C ILE A 189 10.50 -31.06 16.04
N ILE A 190 11.60 -30.38 16.42
CA ILE A 190 12.45 -30.80 17.56
C ILE A 190 12.45 -29.71 18.62
N LYS A 191 11.88 -30.05 19.78
CA LYS A 191 12.01 -29.32 21.06
C LYS A 191 13.31 -29.78 21.72
N GLY A 192 14.32 -28.92 21.76
CA GLY A 192 15.59 -29.13 22.48
C GLY A 192 15.40 -29.02 24.00
N SER A 193 16.50 -29.09 24.76
CA SER A 193 16.50 -29.17 26.25
C SER A 193 16.03 -27.82 26.86
N SER A 194 16.70 -26.73 26.52
CA SER A 194 16.39 -25.34 26.96
C SER A 194 14.98 -24.94 26.47
N VAL A 195 14.25 -24.18 27.28
CA VAL A 195 12.87 -23.71 26.99
C VAL A 195 12.86 -22.98 25.64
N TYR A 196 13.99 -22.40 25.23
CA TYR A 196 14.12 -21.48 24.08
C TYR A 196 14.49 -22.21 22.79
N ASP A 197 14.79 -23.52 22.83
CA ASP A 197 15.43 -24.26 21.72
C ASP A 197 14.37 -25.04 20.94
N TYR A 198 14.17 -24.61 19.70
CA TYR A 198 13.27 -25.24 18.70
C TYR A 198 14.03 -25.29 17.37
N SER A 199 14.01 -26.43 16.67
CA SER A 199 14.70 -26.62 15.37
C SER A 199 13.86 -27.55 14.49
N PHE A 200 14.15 -27.52 13.18
CA PHE A 200 13.37 -28.20 12.12
C PHE A 200 14.32 -28.90 11.15
N LYS A 201 13.99 -30.14 10.76
CA LYS A 201 14.72 -30.94 9.73
C LYS A 201 13.75 -31.29 8.61
N LEU A 202 12.70 -30.49 8.44
CA LEU A 202 11.72 -30.67 7.37
C LEU A 202 12.36 -30.23 6.06
N THR A 203 12.24 -31.08 5.04
CA THR A 203 12.77 -30.86 3.67
C THR A 203 11.71 -30.17 2.80
N SER A 204 12.19 -29.57 1.71
CA SER A 204 11.37 -29.09 0.57
C SER A 204 10.21 -30.06 0.35
N ARG A 205 10.50 -31.35 0.19
CA ARG A 205 9.49 -32.42 -0.08
C ARG A 205 8.47 -32.45 1.07
N ASP A 206 8.94 -32.42 2.32
CA ASP A 206 8.09 -32.50 3.53
C ASP A 206 7.14 -31.30 3.56
N TRP A 207 7.66 -30.10 3.35
CA TRP A 207 6.89 -28.84 3.33
C TRP A 207 5.82 -28.92 2.24
N ASP A 208 6.11 -29.52 1.07
CA ASP A 208 5.11 -29.66 -0.03
C ASP A 208 3.96 -30.58 0.37
N ASP A 209 4.23 -31.58 1.19
CA ASP A 209 3.18 -32.50 1.70
C ASP A 209 2.34 -31.74 2.76
N ILE A 210 3.02 -30.96 3.62
CA ILE A 210 2.45 -30.28 4.81
C ILE A 210 1.59 -29.07 4.39
N LYS A 211 2.12 -28.16 3.57
CA LYS A 211 1.54 -26.80 3.35
C LYS A 211 0.07 -26.91 2.95
N PRO A 212 -0.35 -27.80 2.03
CA PRO A 212 -1.77 -27.88 1.65
C PRO A 212 -2.70 -28.52 2.69
N LYS A 213 -2.14 -29.25 3.67
CA LYS A 213 -2.92 -30.10 4.62
C LYS A 213 -3.01 -29.45 5.99
N LEU A 214 -1.93 -28.80 6.45
CA LEU A 214 -1.76 -28.25 7.81
C LEU A 214 -3.03 -27.51 8.27
N VAL A 215 -3.59 -27.91 9.42
CA VAL A 215 -4.81 -27.32 10.03
C VAL A 215 -4.36 -26.59 11.30
N TYR A 216 -4.92 -25.40 11.50
CA TYR A 216 -4.70 -24.55 12.68
C TYR A 216 -5.64 -25.06 13.76
N ASN A 217 -5.06 -25.67 14.80
CA ASN A 217 -5.78 -26.44 15.83
C ASN A 217 -5.63 -25.71 17.17
N PHE A 218 -6.45 -24.68 17.39
CA PHE A 218 -6.44 -23.78 18.58
C PHE A 218 -7.88 -23.44 18.95
N PRO A 219 -8.52 -24.26 19.82
CA PRO A 219 -9.97 -24.25 20.03
C PRO A 219 -10.79 -22.94 20.13
N ASN A 220 -10.31 -21.88 20.77
CA ASN A 220 -11.13 -20.64 20.79
C ASN A 220 -10.48 -19.53 19.97
N SER A 221 -9.56 -19.89 19.06
CA SER A 221 -9.02 -18.93 18.07
C SER A 221 -10.12 -18.58 17.06
N PRO A 222 -10.13 -17.35 16.53
CA PRO A 222 -11.00 -17.03 15.41
C PRO A 222 -10.75 -17.91 14.18
N TYR A 223 -9.52 -18.45 14.08
CA TYR A 223 -9.00 -19.17 12.89
C TYR A 223 -9.04 -20.69 13.11
N ASP A 224 -9.66 -21.16 14.19
CA ASP A 224 -9.61 -22.58 14.59
C ASP A 224 -10.19 -23.45 13.47
N GLN A 225 -9.53 -24.57 13.17
CA GLN A 225 -9.99 -25.63 12.22
C GLN A 225 -9.89 -25.13 10.77
N ARG A 226 -9.23 -24.00 10.53
CA ARG A 226 -8.98 -23.52 9.14
C ARG A 226 -7.57 -24.00 8.74
N LYS A 227 -7.36 -24.24 7.45
CA LYS A 227 -6.00 -24.49 6.90
C LYS A 227 -5.11 -23.28 7.20
N VAL A 228 -3.88 -23.54 7.62
CA VAL A 228 -2.88 -22.47 7.90
C VAL A 228 -2.68 -21.70 6.59
N ASN A 229 -2.81 -22.40 5.47
CA ASN A 229 -2.81 -21.80 4.10
C ASN A 229 -3.75 -20.59 4.01
N ASP A 230 -4.89 -20.61 4.71
CA ASP A 230 -6.00 -19.62 4.58
C ASP A 230 -5.87 -18.47 5.59
N ILE A 231 -4.81 -18.45 6.40
CA ILE A 231 -4.57 -17.43 7.46
C ILE A 231 -3.33 -16.57 7.07
N GLY A 232 -3.48 -15.24 7.09
CA GLY A 232 -2.36 -14.31 6.97
C GLY A 232 -1.38 -14.47 8.11
N PHE A 233 -0.10 -14.24 7.84
CA PHE A 233 1.01 -14.51 8.78
C PHE A 233 0.96 -13.52 9.95
N TRP A 234 0.59 -12.27 9.69
CA TRP A 234 0.30 -11.29 10.75
C TRP A 234 -0.94 -11.74 11.53
N ASN A 235 -2.02 -12.15 10.86
CA ASN A 235 -3.19 -12.76 11.57
C ASN A 235 -2.68 -13.84 12.54
N LEU A 236 -1.83 -14.77 12.06
CA LEU A 236 -1.43 -15.98 12.81
C LEU A 236 -0.48 -15.60 13.95
N ILE A 237 0.52 -14.76 13.67
CA ILE A 237 1.48 -14.28 14.72
C ILE A 237 0.72 -13.54 15.83
N LYS A 238 -0.16 -12.58 15.52
CA LYS A 238 -0.92 -11.92 16.60
C LYS A 238 -1.67 -12.98 17.43
N ASP A 239 -2.35 -13.90 16.77
CA ASP A 239 -3.15 -14.92 17.46
C ASP A 239 -2.27 -15.69 18.47
N GLN A 240 -1.02 -15.96 18.11
CA GLN A 240 -0.12 -16.83 18.89
C GLN A 240 0.56 -16.05 20.02
N VAL A 241 1.00 -14.82 19.77
CA VAL A 241 1.89 -14.11 20.72
C VAL A 241 1.38 -12.70 21.00
N SER A 242 0.13 -12.38 20.64
CA SER A 242 -0.52 -11.06 20.85
C SER A 242 0.08 -10.02 19.91
N GLN A 243 -0.60 -8.88 19.80
CA GLN A 243 -0.20 -7.79 18.87
C GLN A 243 1.14 -7.22 19.30
N GLU A 244 1.42 -7.14 20.61
CA GLU A 244 2.74 -6.72 21.13
C GLU A 244 3.80 -7.71 20.63
N GLY A 245 3.45 -9.00 20.60
CA GLY A 245 4.36 -10.04 20.09
C GLY A 245 4.64 -9.82 18.61
N TYR A 246 3.60 -9.49 17.83
CA TYR A 246 3.76 -9.23 16.37
C TYR A 246 4.65 -8.01 16.19
N GLU A 247 4.46 -6.97 17.00
CA GLU A 247 5.22 -5.71 16.89
C GLU A 247 6.69 -6.05 17.08
N PHE A 248 6.99 -6.93 18.03
CA PHE A 248 8.37 -7.34 18.39
C PHE A 248 9.00 -8.04 17.19
N LEU A 249 8.33 -9.09 16.71
CA LEU A 249 8.83 -9.95 15.59
C LEU A 249 8.95 -9.16 14.30
N ALA A 250 7.97 -8.30 14.00
CA ALA A 250 7.92 -7.52 12.74
C ALA A 250 9.12 -6.56 12.68
N ASN A 251 9.52 -6.00 13.82
CA ASN A 251 10.57 -4.97 13.91
C ASN A 251 11.93 -5.65 14.09
N ALA A 252 12.00 -6.62 15.02
CA ALA A 252 13.25 -7.29 15.43
C ALA A 252 13.68 -8.28 14.34
N GLY A 253 12.72 -8.84 13.61
CA GLY A 253 13.00 -9.73 12.45
C GLY A 253 13.93 -9.06 11.46
N GLY A 254 13.68 -7.79 11.11
CA GLY A 254 14.37 -7.08 10.03
C GLY A 254 13.63 -7.20 8.71
N TYR A 255 14.25 -6.78 7.60
CA TYR A 255 13.63 -6.78 6.25
C TYR A 255 13.78 -8.16 5.60
N TYR A 256 14.88 -8.86 5.89
CA TYR A 256 15.18 -10.22 5.36
C TYR A 256 14.10 -11.20 5.85
N SER A 257 13.49 -10.88 7.00
CA SER A 257 12.36 -11.62 7.62
C SER A 257 11.02 -11.01 7.15
N ASN A 258 10.07 -11.86 6.76
CA ASN A 258 8.85 -11.43 6.02
C ASN A 258 7.63 -11.60 6.93
N THR A 259 7.20 -10.52 7.57
CA THR A 259 6.10 -10.54 8.56
C THR A 259 4.87 -9.78 8.02
N ILE A 260 4.81 -9.47 6.72
CA ILE A 260 3.57 -8.93 6.10
C ILE A 260 2.49 -10.00 6.19
N ASN A 261 1.24 -9.64 5.97
CA ASN A 261 0.09 -10.57 6.15
C ASN A 261 -0.07 -11.44 4.90
N TRP A 262 0.96 -12.22 4.59
CA TRP A 262 0.99 -13.18 3.46
C TRP A 262 0.68 -14.60 3.94
N ASN A 263 0.63 -15.53 3.00
CA ASN A 263 0.22 -16.95 3.21
C ASN A 263 1.06 -17.56 4.35
N SER A 264 0.44 -17.94 5.47
CA SER A 264 1.09 -18.56 6.65
C SER A 264 1.72 -19.91 6.30
N ALA A 265 1.05 -20.76 5.51
CA ALA A 265 1.63 -22.06 5.11
C ALA A 265 2.95 -21.83 4.38
N GLU A 266 3.01 -20.85 3.46
CA GLU A 266 4.21 -20.51 2.67
C GLU A 266 5.23 -19.78 3.57
N ALA A 267 4.81 -18.98 4.56
CA ALA A 267 5.74 -18.22 5.44
C ALA A 267 6.56 -19.15 6.34
N PHE A 268 6.00 -20.31 6.72
CA PHE A 268 6.62 -21.25 7.69
C PHE A 268 7.98 -21.71 7.15
N PRO A 269 8.05 -22.35 5.96
CA PRO A 269 9.34 -22.74 5.40
C PRO A 269 10.27 -21.54 5.12
N TYR A 270 9.72 -20.42 4.66
CA TYR A 270 10.50 -19.19 4.38
C TYR A 270 11.27 -18.82 5.65
N MET A 271 10.63 -18.96 6.81
CA MET A 271 11.18 -18.50 8.12
C MET A 271 12.20 -19.51 8.68
N VAL A 272 11.97 -20.81 8.54
CA VAL A 272 12.81 -21.85 9.21
C VAL A 272 13.60 -22.69 8.19
N GLY A 273 13.66 -22.29 6.92
CA GLY A 273 14.50 -22.93 5.89
C GLY A 273 13.96 -24.28 5.43
N ASP A 274 14.32 -24.67 4.19
CA ASP A 274 14.27 -26.07 3.67
C ASP A 274 15.57 -26.76 4.12
N PHE A 275 15.48 -27.66 5.10
CA PHE A 275 16.65 -28.16 5.89
C PHE A 275 17.66 -28.89 4.99
N SER A 276 18.93 -28.50 5.12
CA SER A 276 20.15 -29.36 4.99
C SER A 276 21.37 -28.60 5.56
N ALA A 277 21.42 -28.45 6.88
CA ALA A 277 22.14 -27.38 7.62
C ALA A 277 23.67 -27.58 7.63
N GLY A 278 24.25 -28.07 6.53
CA GLY A 278 25.66 -27.79 6.15
C GLY A 278 25.77 -26.55 5.25
N THR A 279 24.64 -25.93 4.91
CA THR A 279 24.55 -24.90 3.84
C THR A 279 24.70 -23.50 4.44
N ILE A 280 25.28 -22.59 3.66
CA ILE A 280 25.68 -21.22 4.10
C ILE A 280 25.31 -20.21 3.00
N TYR A 281 25.32 -18.92 3.33
CA TYR A 281 25.10 -17.81 2.37
C TYR A 281 26.43 -17.45 1.67
N LYS A 282 26.39 -17.31 0.35
CA LYS A 282 27.56 -16.87 -0.45
C LYS A 282 27.18 -15.76 -1.40
N THR A 283 28.18 -15.06 -1.94
CA THR A 283 28.03 -14.13 -3.07
C THR A 283 29.13 -14.37 -4.11
N ILE A 284 29.20 -13.51 -5.12
CA ILE A 284 30.19 -13.56 -6.23
C ILE A 284 31.09 -12.33 -6.10
N GLU A 285 32.40 -12.55 -6.03
CA GLU A 285 33.42 -11.48 -5.90
C GLU A 285 33.21 -10.43 -6.98
N GLU A 286 32.84 -10.84 -8.20
CA GLU A 286 32.70 -9.97 -9.40
C GLU A 286 31.29 -9.35 -9.46
N GLY A 287 30.53 -9.38 -8.36
CA GLY A 287 29.15 -8.88 -8.32
C GLY A 287 28.13 -9.98 -8.58
N TYR A 288 27.09 -10.05 -7.74
CA TYR A 288 26.03 -11.08 -7.84
C TYR A 288 25.40 -11.08 -9.23
N ASP A 289 25.32 -9.96 -9.95
CA ASP A 289 24.70 -9.92 -11.31
C ASP A 289 25.54 -10.73 -12.33
N SER A 290 26.76 -11.12 -11.97
CA SER A 290 27.65 -11.99 -12.79
C SER A 290 26.90 -13.26 -13.20
N ILE A 291 26.05 -13.84 -12.34
CA ILE A 291 25.28 -15.08 -12.71
C ILE A 291 24.44 -14.76 -13.94
N ALA A 292 23.80 -13.60 -14.01
CA ALA A 292 22.96 -13.19 -15.15
C ALA A 292 23.85 -13.02 -16.40
N TYR A 293 24.99 -12.36 -16.27
CA TYR A 293 25.91 -12.13 -17.41
C TYR A 293 26.44 -13.47 -17.93
N ALA A 294 26.77 -14.39 -17.03
CA ALA A 294 27.30 -15.74 -17.36
C ALA A 294 26.27 -16.55 -18.14
N VAL A 295 25.00 -16.53 -17.71
CA VAL A 295 23.91 -17.25 -18.44
C VAL A 295 23.66 -16.53 -19.77
N ALA A 296 23.63 -15.20 -19.78
CA ALA A 296 23.40 -14.41 -21.02
C ALA A 296 24.52 -14.69 -22.02
N ASN A 297 25.79 -14.76 -21.58
CA ASN A 297 26.94 -14.91 -22.50
C ASN A 297 26.92 -16.33 -23.06
N SER A 298 26.57 -17.31 -22.23
CA SER A 298 26.45 -18.70 -22.70
C SER A 298 25.41 -18.73 -23.82
N TYR A 299 24.28 -18.03 -23.66
CA TYR A 299 23.23 -17.92 -24.71
C TYR A 299 23.81 -17.21 -25.93
N MET A 300 24.51 -16.07 -25.73
CA MET A 300 24.95 -15.18 -26.82
C MET A 300 26.12 -15.81 -27.63
N GLU A 301 26.81 -16.83 -27.12
CA GLU A 301 27.92 -17.47 -27.88
C GLU A 301 27.34 -18.35 -29.01
N HIS A 302 26.04 -18.65 -29.02
CA HIS A 302 25.37 -19.39 -30.14
C HIS A 302 24.99 -18.41 -31.26
N GLU A 303 25.31 -18.75 -32.50
CA GLU A 303 25.11 -17.89 -33.70
C GLU A 303 23.62 -17.55 -33.85
N GLY A 304 23.32 -16.25 -33.99
CA GLY A 304 21.95 -15.72 -34.20
C GLY A 304 21.26 -15.30 -32.90
N ALA A 305 21.89 -15.53 -31.76
CA ALA A 305 21.40 -15.13 -30.42
C ALA A 305 21.38 -13.62 -30.32
N CYS A 306 20.31 -13.05 -29.76
CA CYS A 306 20.20 -11.58 -29.64
C CYS A 306 19.33 -11.21 -28.44
N ILE A 307 19.85 -10.31 -27.60
CA ILE A 307 19.07 -9.54 -26.57
C ILE A 307 18.65 -8.22 -27.21
N TRP A 308 17.35 -8.03 -27.45
CA TRP A 308 16.83 -6.73 -27.93
C TRP A 308 16.56 -5.86 -26.70
N SER A 309 17.44 -4.90 -26.43
CA SER A 309 17.31 -3.95 -25.29
C SER A 309 16.51 -2.71 -25.72
N GLU A 310 16.06 -1.93 -24.74
CA GLU A 310 15.29 -0.69 -24.98
C GLU A 310 14.18 -1.00 -26.00
N ASN A 311 13.57 -2.17 -25.84
CA ASN A 311 12.46 -2.63 -26.70
C ASN A 311 11.38 -3.18 -25.78
N LYS A 312 10.23 -2.49 -25.74
CA LYS A 312 9.18 -2.73 -24.74
C LYS A 312 8.01 -3.42 -25.41
N LEU A 313 7.63 -4.60 -24.91
CA LEU A 313 6.40 -5.26 -25.39
C LEU A 313 5.20 -4.41 -24.98
N LEU A 314 4.34 -4.10 -25.94
CA LEU A 314 3.07 -3.37 -25.74
C LEU A 314 1.89 -4.35 -25.71
N THR A 315 1.77 -5.20 -26.73
CA THR A 315 0.59 -6.08 -26.92
C THR A 315 1.02 -7.29 -27.77
N PHE A 316 0.11 -8.23 -27.92
CA PHE A 316 0.27 -9.38 -28.83
C PHE A 316 -1.14 -9.87 -29.20
N THR A 317 -1.28 -10.42 -30.41
CA THR A 317 -2.58 -10.81 -31.00
C THR A 317 -2.39 -12.08 -31.83
N LYS A 318 -3.48 -12.85 -31.97
CA LYS A 318 -3.60 -14.00 -32.90
C LYS A 318 -4.14 -13.52 -34.25
N ASP A 319 -4.63 -12.26 -34.32
CA ASP A 319 -5.25 -11.65 -35.52
C ASP A 319 -4.19 -10.81 -36.24
N HIS A 320 -3.52 -11.43 -37.21
CA HIS A 320 -2.42 -10.84 -38.00
C HIS A 320 -2.34 -11.57 -39.34
N PRO A 321 -1.56 -11.03 -40.31
CA PRO A 321 -1.46 -11.63 -41.64
C PRO A 321 -0.78 -13.02 -41.73
N LEU A 322 0.01 -13.44 -40.73
CA LEU A 322 0.94 -14.60 -40.88
C LEU A 322 0.49 -15.80 -40.05
N THR A 323 -0.82 -15.95 -39.82
CA THR A 323 -1.39 -17.07 -39.01
C THR A 323 -1.01 -18.42 -39.62
N ASN A 324 -0.61 -18.49 -40.89
CA ASN A 324 -0.22 -19.76 -41.55
C ASN A 324 1.12 -20.27 -40.98
N THR A 325 2.07 -19.40 -40.64
CA THR A 325 3.41 -19.79 -40.13
C THR A 325 3.56 -19.50 -38.62
N HIS A 326 2.84 -18.51 -38.07
CA HIS A 326 3.10 -17.95 -36.70
C HIS A 326 1.78 -17.68 -35.98
N LYS A 327 1.58 -18.31 -34.82
CA LYS A 327 0.36 -18.11 -33.99
C LYS A 327 0.26 -16.64 -33.56
N TYR A 328 1.36 -15.99 -33.23
CA TYR A 328 1.33 -14.70 -32.49
C TYR A 328 2.10 -13.62 -33.25
N GLU A 329 1.53 -12.42 -33.24
CA GLU A 329 2.22 -11.16 -33.60
C GLU A 329 2.40 -10.35 -32.31
N LEU A 330 3.65 -10.02 -32.00
CA LEU A 330 4.03 -9.17 -30.86
C LEU A 330 4.33 -7.77 -31.41
N THR A 331 3.79 -6.72 -30.76
CA THR A 331 4.08 -5.31 -31.09
C THR A 331 5.02 -4.77 -30.01
N PHE A 332 6.25 -4.43 -30.38
CA PHE A 332 7.29 -3.83 -29.50
C PHE A 332 7.38 -2.32 -29.78
N LEU A 333 7.67 -1.54 -28.74
CA LEU A 333 8.01 -0.10 -28.86
C LEU A 333 9.53 -0.01 -28.77
N ASN A 334 10.15 0.36 -29.87
CA ASN A 334 11.60 0.70 -29.94
C ASN A 334 11.76 2.08 -29.33
N LEU A 335 12.26 2.14 -28.08
CA LEU A 335 12.26 3.34 -27.21
C LEU A 335 13.14 4.43 -27.83
N LYS A 336 14.23 4.06 -28.50
CA LYS A 336 15.20 5.01 -29.10
C LYS A 336 14.54 5.79 -30.26
N THR A 337 13.61 5.18 -31.00
CA THR A 337 12.94 5.81 -32.17
C THR A 337 11.46 6.13 -31.89
N ASN A 338 10.94 5.69 -30.74
CA ASN A 338 9.49 5.80 -30.46
C ASN A 338 8.69 5.24 -31.64
N THR A 339 9.13 4.15 -32.29
CA THR A 339 8.37 3.46 -33.36
C THR A 339 7.95 2.05 -32.93
N GLN A 340 6.78 1.60 -33.40
CA GLN A 340 6.27 0.22 -33.16
C GLN A 340 6.77 -0.70 -34.27
N TRP A 341 7.19 -1.92 -33.91
CA TRP A 341 7.59 -2.98 -34.86
C TRP A 341 7.02 -4.32 -34.39
N LYS A 342 6.89 -5.24 -35.33
CA LYS A 342 6.22 -6.54 -35.13
C LYS A 342 7.27 -7.64 -35.11
N VAL A 343 7.07 -8.59 -34.20
CA VAL A 343 7.78 -9.89 -34.17
C VAL A 343 6.71 -10.98 -34.25
N TYR A 344 6.99 -12.00 -35.05
CA TYR A 344 6.10 -13.16 -35.27
C TYR A 344 6.75 -14.36 -34.59
N ALA A 345 5.96 -15.10 -33.80
CA ALA A 345 6.44 -16.20 -32.94
C ALA A 345 5.31 -17.21 -32.69
N ASN A 346 5.68 -18.43 -32.29
CA ASN A 346 4.74 -19.54 -31.98
C ASN A 346 4.67 -19.77 -30.47
N SER A 347 5.68 -19.30 -29.71
CA SER A 347 5.72 -19.38 -28.22
C SER A 347 6.11 -18.02 -27.65
N ILE A 348 5.43 -17.58 -26.60
CA ILE A 348 5.77 -16.33 -25.86
C ILE A 348 6.06 -16.69 -24.39
N VAL A 349 7.24 -16.31 -23.89
CA VAL A 349 7.61 -16.50 -22.47
C VAL A 349 7.68 -15.10 -21.83
N LEU A 350 6.73 -14.81 -20.94
CA LEU A 350 6.65 -13.58 -20.12
C LEU A 350 7.42 -13.85 -18.83
N ALA A 351 8.71 -13.52 -18.87
CA ALA A 351 9.69 -13.79 -17.82
C ALA A 351 9.76 -12.52 -16.99
N MET A 352 8.63 -12.17 -16.37
CA MET A 352 8.44 -10.84 -15.76
C MET A 352 7.46 -10.92 -14.59
N PRO A 353 7.59 -10.01 -13.61
CA PRO A 353 6.78 -10.04 -12.40
C PRO A 353 5.35 -9.52 -12.61
N ARG A 354 4.56 -9.50 -11.53
CA ARG A 354 3.13 -9.14 -11.54
C ARG A 354 2.94 -7.77 -12.19
N LYS A 355 3.68 -6.77 -11.72
CA LYS A 355 3.50 -5.37 -12.22
C LYS A 355 3.77 -5.32 -13.73
N SER A 356 4.75 -6.06 -14.21
CA SER A 356 5.11 -6.07 -15.65
C SER A 356 3.96 -6.62 -16.48
N LEU A 357 3.29 -7.67 -16.00
CA LEU A 357 2.13 -8.29 -16.69
C LEU A 357 1.01 -7.28 -16.76
N GLU A 358 0.76 -6.60 -15.65
CA GLU A 358 -0.35 -5.61 -15.53
C GLU A 358 -0.10 -4.43 -16.48
N LEU A 359 1.15 -4.12 -16.80
CA LEU A 359 1.51 -2.96 -17.65
C LEU A 359 1.36 -3.29 -19.14
N LEU A 360 1.21 -4.56 -19.49
CA LEU A 360 0.98 -4.98 -20.89
C LEU A 360 -0.46 -4.61 -21.22
N ASP A 361 -0.81 -4.64 -22.51
CA ASP A 361 -2.19 -4.35 -22.99
C ASP A 361 -3.15 -5.37 -22.35
N GLN A 362 -4.08 -4.89 -21.51
CA GLN A 362 -5.01 -5.76 -20.76
C GLN A 362 -6.24 -6.10 -21.63
N ASN A 363 -6.35 -5.56 -22.84
CA ASN A 363 -7.53 -5.70 -23.74
C ASN A 363 -7.31 -6.78 -24.80
N ASN A 364 -6.13 -7.41 -24.86
CA ASN A 364 -5.86 -8.45 -25.88
C ASN A 364 -6.55 -9.76 -25.45
N PHE A 365 -6.41 -10.80 -26.29
CA PHE A 365 -7.12 -12.09 -26.11
C PHE A 365 -6.66 -12.74 -24.79
N PHE A 366 -5.38 -12.59 -24.44
CA PHE A 366 -4.75 -13.26 -23.29
C PHE A 366 -5.24 -12.64 -21.96
N PHE A 367 -5.14 -11.32 -21.81
CA PHE A 367 -5.39 -10.61 -20.52
C PHE A 367 -6.86 -10.22 -20.36
N ASN A 368 -7.60 -9.99 -21.44
CA ASN A 368 -9.05 -9.61 -21.37
C ASN A 368 -9.70 -10.26 -20.14
N ILE A 369 -10.13 -9.44 -19.18
CA ILE A 369 -10.71 -9.94 -17.89
C ILE A 369 -12.14 -10.46 -18.12
N ASN A 370 -12.81 -10.04 -19.19
CA ASN A 370 -14.19 -10.50 -19.56
C ASN A 370 -14.16 -11.97 -19.99
N LYS A 371 -13.01 -12.45 -20.44
CA LYS A 371 -12.79 -13.81 -21.00
C LYS A 371 -12.04 -14.64 -19.97
N ASN A 372 -10.89 -14.14 -19.49
CA ASN A 372 -9.93 -14.91 -18.68
C ASN A 372 -9.92 -14.39 -17.23
N SER A 373 -11.04 -14.56 -16.53
CA SER A 373 -11.23 -14.17 -15.11
C SER A 373 -10.29 -14.98 -14.21
N VAL A 374 -9.96 -16.21 -14.60
CA VAL A 374 -9.10 -17.12 -13.77
C VAL A 374 -7.66 -16.59 -13.84
N LEU A 375 -7.18 -16.23 -15.02
CA LEU A 375 -5.83 -15.65 -15.21
C LEU A 375 -5.68 -14.41 -14.33
N ASN A 376 -6.67 -13.52 -14.40
CA ASN A 376 -6.63 -12.21 -13.72
C ASN A 376 -6.62 -12.44 -12.20
N ASN A 377 -7.45 -13.36 -11.69
CA ASN A 377 -7.45 -13.73 -10.24
C ASN A 377 -6.07 -14.24 -9.84
N ASN A 378 -5.42 -15.05 -10.66
CA ASN A 378 -4.15 -15.73 -10.29
C ASN A 378 -2.99 -14.75 -10.44
N ILE A 379 -3.05 -13.79 -11.37
CA ILE A 379 -2.05 -12.68 -11.45
C ILE A 379 -2.09 -11.91 -10.12
N ARG A 380 -3.27 -11.75 -9.53
CA ARG A 380 -3.48 -10.97 -8.28
C ARG A 380 -3.26 -11.84 -7.04
N SER A 381 -2.72 -13.05 -7.18
CA SER A 381 -2.50 -14.04 -6.08
C SER A 381 -1.25 -13.71 -5.26
N VAL A 382 -0.43 -12.76 -5.69
CA VAL A 382 0.83 -12.41 -4.97
C VAL A 382 0.81 -10.91 -4.64
N ILE A 383 1.36 -10.61 -3.46
CA ILE A 383 1.62 -9.25 -2.93
C ILE A 383 2.92 -8.74 -3.56
N MET A 384 2.87 -7.50 -4.02
CA MET A 384 4.02 -6.72 -4.53
C MET A 384 4.67 -6.01 -3.34
N GLU A 385 5.76 -6.55 -2.82
CA GLU A 385 6.44 -6.00 -1.62
C GLU A 385 7.44 -4.95 -2.09
N PRO A 386 7.35 -3.71 -1.60
CA PRO A 386 8.26 -2.65 -2.02
C PRO A 386 9.69 -2.92 -1.54
N ALA A 387 10.67 -2.46 -2.29
CA ALA A 387 12.06 -2.34 -1.82
C ALA A 387 12.71 -1.13 -2.47
N PHE A 388 13.65 -0.55 -1.74
CA PHE A 388 14.53 0.57 -2.18
C PHE A 388 15.95 0.12 -1.79
N ALA A 389 16.98 0.50 -2.53
CA ALA A 389 18.37 0.27 -2.08
C ALA A 389 19.10 1.61 -2.12
N ILE A 390 19.75 1.98 -1.03
CA ILE A 390 20.64 3.17 -1.00
C ILE A 390 22.03 2.69 -0.57
N LEU A 391 22.96 2.78 -1.51
CA LEU A 391 24.42 2.53 -1.26
C LEU A 391 25.04 3.87 -0.89
N MET A 392 25.78 3.92 0.22
CA MET A 392 26.47 5.14 0.70
C MET A 392 27.96 4.84 0.91
N GLY A 393 28.80 5.70 0.36
CA GLY A 393 30.27 5.62 0.42
C GLY A 393 30.79 6.65 1.40
N PHE A 394 31.49 6.19 2.44
CA PHE A 394 32.17 7.02 3.46
C PHE A 394 33.70 6.90 3.28
N GLU A 395 34.43 7.95 3.67
CA GLU A 395 35.91 8.02 3.54
C GLU A 395 36.57 7.03 4.51
N TYR A 396 35.86 6.56 5.54
CA TYR A 396 36.35 5.48 6.45
C TYR A 396 35.19 4.68 7.03
N PRO A 397 35.45 3.42 7.46
CA PRO A 397 34.42 2.59 8.07
C PRO A 397 34.19 2.95 9.55
N TRP A 398 33.45 4.04 9.77
CA TRP A 398 33.05 4.54 11.11
C TRP A 398 32.47 3.40 11.96
N TRP A 399 31.89 2.38 11.35
CA TRP A 399 31.29 1.22 12.08
C TRP A 399 32.35 0.37 12.80
N LYS A 400 33.60 0.41 12.37
CA LYS A 400 34.69 -0.37 13.01
C LYS A 400 34.93 0.16 14.43
N GLU A 401 34.58 1.42 14.72
CA GLU A 401 34.71 2.01 16.09
C GLU A 401 33.88 1.17 17.07
N LEU A 402 32.87 0.43 16.60
CA LEU A 402 31.99 -0.39 17.46
C LEU A 402 32.40 -1.86 17.35
N GLY A 403 33.49 -2.15 16.66
CA GLY A 403 33.99 -3.52 16.43
C GLY A 403 33.12 -4.25 15.41
N ILE A 404 32.50 -3.50 14.49
CA ILE A 404 31.65 -4.08 13.41
C ILE A 404 32.50 -4.16 12.15
N ASP A 405 32.65 -5.38 11.64
CA ASP A 405 33.39 -5.82 10.41
C ASP A 405 32.45 -5.83 9.20
N SER A 406 31.20 -6.23 9.44
CA SER A 406 30.29 -6.82 8.43
C SER A 406 28.93 -7.07 9.09
N GLY A 407 27.94 -7.47 8.30
CA GLY A 407 26.60 -7.90 8.77
C GLY A 407 25.59 -6.77 8.75
N HIS A 408 24.55 -6.90 9.57
CA HIS A 408 23.28 -6.14 9.49
C HIS A 408 22.96 -5.61 10.89
N SER A 409 22.70 -4.31 11.05
CA SER A 409 22.03 -3.74 12.26
C SER A 409 20.55 -3.52 11.95
N ILE A 410 19.68 -3.71 12.94
CA ILE A 410 18.21 -3.77 12.79
C ILE A 410 17.56 -2.79 13.78
N THR A 411 16.54 -2.06 13.32
CA THR A 411 15.85 -1.02 14.14
C THR A 411 14.37 -0.89 13.74
N ASP A 412 13.52 -0.42 14.67
CA ASP A 412 12.13 0.01 14.35
C ASP A 412 12.14 1.42 13.79
N LEU A 413 13.30 2.06 13.65
CA LEU A 413 13.36 3.37 12.94
C LEU A 413 12.98 3.10 11.50
N PRO A 414 12.45 4.08 10.74
CA PRO A 414 12.03 3.81 9.38
C PRO A 414 13.10 3.21 8.45
N MET A 415 14.39 3.48 8.70
CA MET A 415 15.48 2.91 7.87
C MET A 415 15.47 1.37 7.96
N ARG A 416 14.97 0.82 9.08
CA ARG A 416 14.76 -0.63 9.34
C ARG A 416 16.09 -1.39 9.51
N GLN A 417 17.05 -1.21 8.61
CA GLN A 417 18.22 -2.12 8.56
C GLN A 417 19.33 -1.51 7.70
N CYS A 418 20.59 -1.61 8.17
CA CYS A 418 21.79 -1.28 7.37
C CYS A 418 22.75 -2.48 7.36
N TYR A 419 23.40 -2.71 6.21
CA TYR A 419 24.44 -3.75 5.96
C TYR A 419 25.79 -3.04 5.75
N TYR A 420 26.79 -3.40 6.56
CA TYR A 420 28.15 -2.80 6.49
C TYR A 420 28.90 -3.62 5.44
N PHE A 421 29.01 -3.10 4.22
CA PHE A 421 29.30 -3.92 3.02
C PHE A 421 30.81 -4.18 2.88
N GLY A 422 31.68 -3.18 2.99
CA GLY A 422 33.12 -3.46 2.89
C GLY A 422 33.95 -2.20 2.92
N THR A 423 35.27 -2.37 3.03
CA THR A 423 36.30 -1.29 3.03
C THR A 423 37.32 -1.58 1.92
N ASP A 424 37.65 -0.56 1.12
CA ASP A 424 38.71 -0.67 0.08
C ASP A 424 40.05 -0.48 0.79
N PRO A 425 40.90 -1.53 0.90
CA PRO A 425 42.11 -1.47 1.75
C PRO A 425 43.15 -0.44 1.29
N GLU A 426 43.11 -0.02 0.01
CA GLU A 426 43.99 1.03 -0.55
C GLU A 426 43.48 2.41 -0.11
N THR A 427 42.19 2.70 -0.30
CA THR A 427 41.58 4.03 -0.11
C THR A 427 40.96 4.18 1.30
N ASN A 428 40.52 3.07 1.90
CA ASN A 428 39.76 3.03 3.18
C ASN A 428 38.30 3.46 2.94
N ASN A 429 37.94 3.89 1.73
CA ASN A 429 36.54 4.24 1.38
C ASN A 429 35.70 2.98 1.59
N SER A 430 34.54 3.15 2.21
CA SER A 430 33.76 2.06 2.84
C SER A 430 32.28 2.24 2.50
N MET A 431 31.57 1.13 2.32
CA MET A 431 30.22 1.12 1.73
C MET A 431 29.19 0.63 2.75
N LEU A 432 28.11 1.37 2.90
CA LEU A 432 26.90 0.98 3.69
C LEU A 432 25.74 0.83 2.72
N LEU A 433 24.94 -0.23 2.89
CA LEU A 433 23.62 -0.40 2.24
C LEU A 433 22.55 -0.05 3.27
N GLY A 434 21.67 0.91 2.97
CA GLY A 434 20.35 1.05 3.63
C GLY A 434 19.24 0.38 2.81
N SER A 435 18.44 -0.51 3.38
CA SER A 435 17.37 -1.23 2.62
C SER A 435 16.15 -1.35 3.50
N TYR A 436 15.01 -1.00 2.91
CA TYR A 436 13.78 -0.63 3.65
C TYR A 436 12.63 -0.84 2.70
N GLY A 437 11.40 -0.91 3.24
CA GLY A 437 10.18 -0.98 2.43
C GLY A 437 9.02 -1.57 3.20
N ASP A 438 9.30 -2.55 4.08
CA ASP A 438 8.26 -3.28 4.84
C ASP A 438 7.66 -2.35 5.90
N MET A 439 6.63 -2.83 6.60
CA MET A 439 5.96 -2.18 7.76
C MET A 439 5.80 -0.67 7.51
N GLU A 440 5.23 -0.29 6.36
CA GLU A 440 4.73 1.09 6.08
C GLU A 440 5.87 2.05 5.74
N THR A 441 7.13 1.62 5.77
CA THR A 441 8.27 2.57 5.64
C THR A 441 8.36 3.11 4.22
N GLU A 442 7.73 2.46 3.25
CA GLU A 442 7.66 2.97 1.85
C GLU A 442 7.16 4.43 1.85
N THR A 443 6.06 4.72 2.54
CA THR A 443 5.42 6.07 2.55
C THR A 443 6.34 7.10 3.23
N PHE A 444 7.00 6.74 4.33
CA PHE A 444 8.00 7.59 5.05
C PHE A 444 9.05 8.08 4.04
N TRP A 445 9.62 7.15 3.27
CA TRP A 445 10.82 7.41 2.42
C TRP A 445 10.40 7.98 1.06
N LYS A 446 9.22 7.62 0.56
CA LYS A 446 8.78 8.05 -0.80
C LYS A 446 8.70 9.58 -0.90
N ALA A 447 8.15 10.27 0.10
CA ALA A 447 8.07 11.75 0.12
C ALA A 447 9.47 12.35 0.00
N LEU A 448 10.48 11.67 0.54
CA LEU A 448 11.87 12.20 0.55
C LEU A 448 12.55 11.84 -0.76
N SER A 449 12.36 10.63 -1.26
CA SER A 449 13.04 10.14 -2.49
C SER A 449 12.40 10.79 -3.74
N ASP A 450 11.14 11.26 -3.63
CA ASP A 450 10.44 11.97 -4.73
C ASP A 450 10.89 13.44 -4.80
N ASP A 451 11.56 13.95 -3.77
CA ASP A 451 12.01 15.36 -3.81
C ASP A 451 13.00 15.52 -4.96
N LYS A 452 13.07 16.73 -5.51
CA LYS A 452 13.81 17.02 -6.77
C LYS A 452 15.29 17.34 -6.48
N VAL A 453 15.65 17.72 -5.26
CA VAL A 453 17.05 18.21 -5.00
C VAL A 453 17.94 17.00 -4.61
N LEU A 454 18.90 16.68 -5.47
CA LEU A 454 19.77 15.49 -5.36
C LEU A 454 20.96 15.80 -4.45
N PHE A 455 21.42 14.78 -3.71
CA PHE A 455 22.73 14.78 -2.98
C PHE A 455 23.85 15.12 -3.96
N GLU A 456 24.74 16.03 -3.63
CA GLU A 456 25.91 16.38 -4.49
C GLU A 456 27.11 15.51 -4.09
N VAL A 457 27.71 14.85 -5.07
CA VAL A 457 28.95 14.05 -4.89
C VAL A 457 30.06 14.95 -4.33
N LYS A 458 31.05 14.35 -3.67
CA LYS A 458 32.19 15.06 -3.03
C LYS A 458 33.44 14.18 -3.19
N ALA A 459 34.57 14.79 -3.55
CA ALA A 459 35.84 14.09 -3.81
C ALA A 459 36.31 13.35 -2.55
N ALA A 460 36.86 12.15 -2.74
CA ALA A 460 37.54 11.34 -1.71
C ALA A 460 38.81 10.76 -2.34
N LYS A 461 39.54 9.94 -1.60
CA LYS A 461 40.77 9.27 -2.13
C LYS A 461 40.35 8.39 -3.32
N SER A 462 41.06 8.53 -4.45
CA SER A 462 40.91 7.71 -5.69
C SER A 462 39.51 7.92 -6.30
N ALA A 463 38.84 9.03 -5.93
CA ALA A 463 37.48 9.39 -6.37
C ALA A 463 37.42 10.89 -6.68
N SER A 464 37.72 11.25 -7.93
CA SER A 464 37.74 12.66 -8.39
C SER A 464 36.31 13.08 -8.76
N LEU A 465 36.02 14.39 -8.73
CA LEU A 465 34.69 14.96 -9.09
C LEU A 465 34.28 14.49 -10.49
N ARG A 466 35.23 14.39 -11.42
CA ARG A 466 34.98 14.00 -12.85
C ARG A 466 34.42 12.57 -12.89
N GLU A 467 35.05 11.65 -12.15
CA GLU A 467 34.60 10.24 -11.98
C GLU A 467 33.22 10.20 -11.31
N LEU A 468 33.05 10.93 -10.21
CA LEU A 468 31.80 10.91 -9.40
C LEU A 468 30.63 11.53 -10.17
N HIS A 469 30.87 12.60 -10.94
CA HIS A 469 29.81 13.32 -11.71
C HIS A 469 29.15 12.38 -12.74
N GLN A 470 29.77 11.25 -13.06
CA GLN A 470 29.12 10.22 -13.92
C GLN A 470 27.92 9.61 -13.16
N LEU A 471 27.89 9.65 -11.82
CA LEU A 471 26.81 9.07 -10.99
C LEU A 471 25.82 10.15 -10.50
N ASP A 472 25.91 11.40 -11.00
CA ASP A 472 25.03 12.52 -10.57
C ASP A 472 23.56 12.06 -10.58
N ASP A 473 23.17 11.32 -11.63
CA ASP A 473 21.79 10.91 -12.00
C ASP A 473 21.18 9.91 -11.03
N VAL A 474 22.02 9.17 -10.32
CA VAL A 474 21.59 8.00 -9.49
C VAL A 474 21.85 8.30 -8.01
N GLN A 475 22.17 9.54 -7.68
CA GLN A 475 22.32 9.97 -6.26
C GLN A 475 20.94 9.94 -5.60
N ALA A 476 20.90 9.58 -4.32
CA ALA A 476 19.70 9.76 -3.49
C ALA A 476 19.39 11.26 -3.40
N THR A 477 18.21 11.62 -2.87
CA THR A 477 17.85 13.03 -2.64
C THR A 477 18.58 13.50 -1.36
N LYS A 478 18.81 14.81 -1.24
CA LYS A 478 19.47 15.39 -0.05
C LYS A 478 18.58 15.13 1.16
N LEU A 479 17.26 15.24 1.02
CA LEU A 479 16.32 15.00 2.15
C LEU A 479 16.46 13.55 2.59
N MET A 480 16.53 12.60 1.66
CA MET A 480 16.64 11.16 2.02
C MET A 480 18.00 10.92 2.67
N VAL A 481 19.09 11.49 2.13
CA VAL A 481 20.45 11.27 2.70
C VAL A 481 20.51 11.91 4.09
N GLY A 482 20.08 13.17 4.23
CA GLY A 482 20.09 13.84 5.54
C GLY A 482 19.34 13.05 6.61
N GLU A 483 18.12 12.62 6.31
CA GLU A 483 17.23 11.92 7.29
C GLU A 483 17.80 10.53 7.59
N LEU A 484 18.36 9.84 6.60
CA LEU A 484 18.98 8.50 6.84
C LEU A 484 20.23 8.68 7.74
N MET A 485 21.03 9.70 7.48
CA MET A 485 22.22 10.04 8.31
C MET A 485 21.76 10.30 9.75
N ASN A 486 20.70 11.09 9.92
CA ASN A 486 20.07 11.33 11.24
C ASN A 486 19.71 10.00 11.90
N GLN A 487 19.10 9.07 11.17
CA GLN A 487 18.65 7.78 11.76
C GLN A 487 19.89 6.91 12.08
N LEU A 488 20.93 6.96 11.26
CA LEU A 488 22.17 6.19 11.55
C LEU A 488 22.82 6.70 12.84
N ARG A 489 22.78 8.02 13.08
CA ARG A 489 23.37 8.62 14.32
C ARG A 489 22.56 8.12 15.51
N GLU A 490 21.23 8.14 15.44
CA GLU A 490 20.34 7.64 16.54
C GLU A 490 20.54 6.13 16.74
N LEU A 491 20.63 5.36 15.65
CA LEU A 491 20.81 3.88 15.74
C LEU A 491 22.12 3.56 16.49
N HIS A 492 23.24 4.19 16.12
CA HIS A 492 24.59 3.79 16.60
C HIS A 492 24.89 4.45 17.95
N GLY A 493 24.28 5.61 18.24
CA GLY A 493 24.40 6.33 19.51
C GLY A 493 25.48 7.40 19.44
N ASP A 494 25.68 8.13 20.53
CA ASP A 494 26.48 9.38 20.54
C ASP A 494 27.98 9.07 20.71
N THR A 495 28.36 7.80 20.97
CA THR A 495 29.78 7.40 21.21
C THR A 495 30.56 7.27 19.88
N VAL A 496 29.90 7.31 18.73
CA VAL A 496 30.58 7.30 17.40
C VAL A 496 30.12 8.51 16.58
N THR A 497 31.08 9.24 16.02
CA THR A 497 30.85 10.35 15.06
C THR A 497 30.69 9.70 13.70
N ILE A 498 29.60 10.00 12.99
CA ILE A 498 29.38 9.52 11.59
C ILE A 498 29.59 10.70 10.66
N PRO A 499 30.64 10.66 9.82
CA PRO A 499 30.92 11.74 8.90
C PRO A 499 29.90 11.66 7.77
N GLU A 500 29.75 12.74 7.01
CA GLU A 500 28.88 12.80 5.82
C GLU A 500 29.47 11.88 4.78
N PRO A 501 28.64 11.19 3.96
CA PRO A 501 29.13 10.38 2.85
C PRO A 501 29.59 11.29 1.71
N TYR A 502 30.35 10.75 0.77
CA TYR A 502 30.91 11.46 -0.40
C TYR A 502 30.22 11.04 -1.70
N VAL A 503 29.52 9.89 -1.69
CA VAL A 503 28.78 9.36 -2.87
C VAL A 503 27.64 8.47 -2.36
N THR A 504 26.54 8.44 -3.11
CA THR A 504 25.39 7.52 -2.88
C THR A 504 24.97 6.89 -4.21
N TYR A 505 24.18 5.83 -4.14
CA TYR A 505 23.53 5.15 -5.29
C TYR A 505 22.14 4.68 -4.83
N PHE A 506 21.10 5.09 -5.54
CA PHE A 506 19.69 4.88 -5.12
C PHE A 506 18.97 4.09 -6.21
N LYS A 507 18.26 3.05 -5.81
CA LYS A 507 17.37 2.26 -6.70
C LYS A 507 16.02 2.08 -6.00
N ASP A 508 14.96 2.47 -6.68
CA ASP A 508 13.58 2.24 -6.22
C ASP A 508 12.99 1.09 -7.06
N TRP A 509 12.86 -0.08 -6.46
CA TRP A 509 12.34 -1.29 -7.17
C TRP A 509 10.82 -1.25 -7.28
N THR A 510 10.13 -0.28 -6.65
CA THR A 510 8.67 -0.06 -6.87
C THR A 510 8.47 0.59 -8.25
N ASP A 511 9.47 1.24 -8.82
CA ASP A 511 9.34 1.88 -10.15
C ASP A 511 8.88 0.83 -11.16
N GLU A 512 8.16 1.25 -12.18
CA GLU A 512 7.80 0.41 -13.34
C GLU A 512 9.11 0.03 -14.01
N PRO A 513 9.22 -1.18 -14.60
CA PRO A 513 8.13 -2.15 -14.68
C PRO A 513 8.03 -3.14 -13.51
N PHE A 514 8.90 -2.98 -12.49
CA PHE A 514 9.09 -3.96 -11.40
C PHE A 514 7.94 -3.88 -10.39
N GLY A 515 7.62 -2.68 -9.91
CA GLY A 515 6.55 -2.46 -8.91
C GLY A 515 6.78 -3.19 -7.59
N ALA A 516 7.95 -3.77 -7.37
CA ALA A 516 8.18 -4.66 -6.21
C ALA A 516 9.65 -5.10 -6.18
N GLY A 517 10.18 -5.29 -4.97
CA GLY A 517 11.48 -5.95 -4.80
C GLY A 517 11.32 -7.45 -4.90
N TYR A 518 10.17 -7.94 -4.48
CA TYR A 518 9.89 -9.39 -4.33
C TYR A 518 8.39 -9.54 -4.07
N HIS A 519 7.92 -10.78 -4.13
CA HIS A 519 6.48 -11.09 -4.07
C HIS A 519 6.21 -12.09 -2.94
N ALA A 520 4.95 -12.19 -2.55
CA ALA A 520 4.50 -13.01 -1.43
C ALA A 520 3.11 -13.53 -1.74
N TRP A 521 2.99 -14.85 -1.78
CA TRP A 521 1.68 -15.54 -1.91
C TRP A 521 0.67 -14.99 -0.90
N LYS A 522 -0.55 -14.74 -1.34
CA LYS A 522 -1.65 -14.37 -0.42
C LYS A 522 -2.19 -15.64 0.23
N ALA A 523 -2.69 -15.48 1.45
CA ALA A 523 -3.52 -16.49 2.12
C ALA A 523 -4.66 -16.89 1.20
N GLY A 524 -5.09 -18.14 1.26
CA GLY A 524 -6.38 -18.57 0.71
C GLY A 524 -6.31 -18.96 -0.73
N PHE A 525 -5.10 -18.94 -1.31
CA PHE A 525 -4.84 -19.42 -2.68
C PHE A 525 -4.23 -20.81 -2.57
N SER A 526 -4.55 -21.69 -3.51
CA SER A 526 -3.94 -23.03 -3.60
C SER A 526 -2.64 -22.86 -4.39
N VAL A 527 -1.56 -22.56 -3.69
CA VAL A 527 -0.27 -22.22 -4.35
C VAL A 527 0.13 -23.39 -5.26
N GLU A 528 0.01 -24.63 -4.77
CA GLU A 528 0.45 -25.84 -5.51
C GLU A 528 -0.27 -25.92 -6.86
N ASN A 529 -1.47 -25.32 -6.99
CA ASN A 529 -2.26 -25.30 -8.25
C ASN A 529 -2.06 -23.99 -9.05
N VAL A 530 -1.72 -22.88 -8.41
CA VAL A 530 -1.55 -21.60 -9.14
C VAL A 530 -0.25 -21.66 -9.96
N MET A 531 0.82 -22.18 -9.36
CA MET A 531 2.15 -22.24 -10.01
C MET A 531 2.06 -22.95 -11.35
N PRO A 532 1.60 -24.23 -11.45
CA PRO A 532 1.44 -24.88 -12.74
C PRO A 532 0.55 -24.11 -13.71
N TYR A 533 -0.53 -23.54 -13.20
CA TYR A 533 -1.41 -22.65 -14.00
C TYR A 533 -0.56 -21.53 -14.64
N MET A 534 0.23 -20.81 -13.83
CA MET A 534 0.92 -19.59 -14.35
C MET A 534 1.97 -19.98 -15.41
N ARG A 535 2.53 -21.18 -15.36
CA ARG A 535 3.55 -21.60 -16.36
C ARG A 535 2.89 -21.87 -17.71
N LYS A 536 1.56 -22.03 -17.77
CA LYS A 536 0.80 -22.10 -19.04
C LYS A 536 -0.69 -21.87 -18.76
N PRO A 537 -1.09 -20.58 -18.62
CA PRO A 537 -2.46 -20.24 -18.23
C PRO A 537 -3.59 -20.82 -19.08
N LEU A 538 -3.52 -20.68 -20.40
CA LEU A 538 -4.59 -21.08 -21.36
C LEU A 538 -4.18 -22.37 -22.07
N THR A 539 -5.09 -23.36 -22.10
CA THR A 539 -4.84 -24.75 -22.60
C THR A 539 -4.47 -24.71 -24.09
N ASP A 540 -5.07 -23.82 -24.88
CA ASP A 540 -4.80 -23.78 -26.35
C ASP A 540 -3.78 -22.69 -26.72
N GLU A 541 -2.98 -22.17 -25.79
CA GLU A 541 -2.02 -21.08 -26.10
C GLU A 541 -0.62 -21.43 -25.57
N GLN A 542 0.38 -21.18 -26.40
CA GLN A 542 1.81 -21.41 -26.08
C GLN A 542 2.36 -20.10 -25.51
N ILE A 543 1.77 -19.69 -24.39
CA ILE A 543 2.11 -18.45 -23.63
C ILE A 543 2.32 -18.89 -22.18
N HIS A 544 3.48 -18.53 -21.67
CA HIS A 544 4.05 -19.00 -20.39
C HIS A 544 4.46 -17.80 -19.56
N ILE A 545 4.23 -17.87 -18.25
CA ILE A 545 4.78 -16.89 -17.28
C ILE A 545 5.78 -17.64 -16.42
N CYS A 546 6.97 -17.06 -16.24
CA CYS A 546 8.02 -17.59 -15.33
C CYS A 546 8.73 -16.42 -14.65
N GLY A 547 9.52 -16.71 -13.62
CA GLY A 547 10.18 -15.68 -12.79
C GLY A 547 9.96 -15.94 -11.32
N GLU A 548 10.49 -15.03 -10.50
CA GLU A 548 10.41 -15.13 -9.03
C GLU A 548 8.97 -14.95 -8.54
N ALA A 549 8.16 -14.12 -9.18
CA ALA A 549 6.92 -13.56 -8.61
C ALA A 549 5.92 -14.69 -8.27
N TYR A 550 5.80 -15.70 -9.11
CA TYR A 550 4.88 -16.87 -8.92
C TYR A 550 5.70 -18.13 -8.64
N SER A 551 6.93 -17.96 -8.14
CA SER A 551 7.81 -19.08 -7.68
C SER A 551 7.38 -19.48 -6.27
N ASP A 552 7.85 -20.62 -5.75
CA ASP A 552 7.71 -20.96 -4.31
C ASP A 552 9.03 -20.71 -3.58
N GLN A 553 9.94 -19.96 -4.19
CA GLN A 553 11.17 -19.45 -3.56
C GLN A 553 11.23 -17.95 -3.81
N GLN A 554 10.15 -17.26 -3.43
CA GLN A 554 10.03 -15.80 -3.59
C GLN A 554 11.14 -15.13 -2.80
N GLY A 555 11.68 -14.03 -3.33
CA GLY A 555 12.80 -13.32 -2.72
C GLY A 555 14.11 -13.76 -3.33
N TRP A 556 14.08 -14.76 -4.21
CA TRP A 556 15.32 -15.51 -4.62
C TRP A 556 15.40 -15.70 -6.14
N VAL A 557 16.61 -15.54 -6.69
CA VAL A 557 16.94 -15.97 -8.08
C VAL A 557 16.57 -17.45 -8.27
N GLU A 558 16.76 -18.26 -7.25
CA GLU A 558 16.44 -19.71 -7.37
C GLU A 558 14.96 -19.88 -7.70
N GLY A 559 14.09 -19.00 -7.18
CA GLY A 559 12.67 -19.07 -7.56
C GLY A 559 12.49 -18.86 -9.04
N ALA A 560 13.16 -17.87 -9.61
CA ALA A 560 13.03 -17.55 -11.05
C ALA A 560 13.56 -18.75 -11.87
N PHE A 561 14.71 -19.28 -11.50
CA PHE A 561 15.35 -20.41 -12.22
C PHE A 561 14.43 -21.63 -12.14
N CYS A 562 13.88 -21.96 -10.96
CA CYS A 562 13.06 -23.18 -10.77
C CYS A 562 11.79 -23.09 -11.62
N GLU A 563 11.14 -21.94 -11.69
CA GLU A 563 9.88 -21.81 -12.48
C GLU A 563 10.17 -21.93 -13.98
N ALA A 564 11.23 -21.29 -14.46
CA ALA A 564 11.72 -21.44 -15.86
C ALA A 564 12.04 -22.93 -16.13
N GLU A 565 12.81 -23.58 -15.26
CA GLU A 565 13.20 -25.01 -15.39
C GLU A 565 11.96 -25.90 -15.51
N LYS A 566 10.96 -25.71 -14.64
CA LYS A 566 9.73 -26.54 -14.65
C LYS A 566 9.02 -26.33 -15.97
N MET A 567 8.89 -25.07 -16.37
CA MET A 567 8.22 -24.69 -17.63
C MET A 567 8.95 -25.34 -18.82
N LEU A 568 10.27 -25.37 -18.81
CA LEU A 568 11.09 -25.99 -19.88
C LEU A 568 10.80 -27.50 -19.99
N GLN A 569 10.79 -28.20 -18.86
CA GLN A 569 10.57 -29.67 -18.80
C GLN A 569 9.12 -29.99 -19.14
N GLU A 570 8.18 -29.09 -18.88
CA GLU A 570 6.72 -29.34 -19.07
C GLU A 570 6.34 -29.11 -20.55
N TYR A 571 6.82 -28.02 -21.16
CA TYR A 571 6.23 -27.54 -22.42
C TYR A 571 7.27 -27.43 -23.55
N PHE A 572 8.57 -27.44 -23.25
CA PHE A 572 9.63 -27.29 -24.29
C PHE A 572 10.44 -28.57 -24.46
N GLY A 573 9.99 -29.70 -23.91
CA GLY A 573 10.53 -31.06 -24.11
C GLY A 573 11.99 -31.18 -23.74
N LEU A 574 12.44 -30.44 -22.72
CA LEU A 574 13.82 -30.55 -22.19
C LEU A 574 13.80 -31.55 -21.03
N ASP A 575 14.89 -32.28 -20.86
CA ASP A 575 15.13 -33.12 -19.66
C ASP A 575 15.88 -32.27 -18.64
N ARG A 576 15.88 -32.73 -17.40
CA ARG A 576 16.67 -32.15 -16.32
C ARG A 576 18.08 -31.97 -16.86
N PRO A 577 18.75 -30.81 -16.62
CA PRO A 577 20.15 -30.66 -17.00
C PRO A 577 21.04 -31.76 -16.37
N TYR A 578 22.05 -32.22 -17.11
CA TYR A 578 23.03 -33.25 -16.64
C TYR A 578 23.68 -32.78 -15.32
N TRP A 579 23.91 -31.47 -15.20
CA TRP A 579 24.66 -30.87 -14.07
C TRP A 579 23.75 -30.72 -12.84
N LEU A 580 22.43 -30.96 -12.97
CA LEU A 580 21.46 -30.76 -11.86
C LEU A 580 21.10 -32.13 -11.28
N SER A 581 21.44 -32.37 -10.02
CA SER A 581 21.11 -33.63 -9.27
C SER A 581 19.65 -33.97 -9.46
N PRO A 582 19.30 -35.25 -9.76
CA PRO A 582 17.90 -35.68 -9.84
C PRO A 582 17.13 -35.62 -8.51
N ASP A 583 17.83 -35.53 -7.38
CA ASP A 583 17.19 -35.47 -6.03
C ASP A 583 16.87 -34.01 -5.64
N TYR A 584 17.29 -33.01 -6.42
CA TYR A 584 16.84 -31.61 -6.21
C TYR A 584 15.36 -31.55 -6.52
N TYR A 585 14.52 -31.37 -5.51
CA TYR A 585 13.05 -31.48 -5.64
C TYR A 585 12.52 -30.25 -6.39
N LEU A 586 11.77 -30.48 -7.46
CA LEU A 586 11.10 -29.43 -8.27
C LEU A 586 9.58 -29.66 -8.28
N GLY A 587 9.03 -30.47 -7.36
CA GLY A 587 7.57 -30.69 -7.29
C GLY A 587 7.03 -31.54 -8.43
N TRP A 588 5.73 -31.37 -8.74
CA TRP A 588 4.95 -32.11 -9.77
C TRP A 588 5.14 -31.42 -11.14
N ASN B 3 -38.67 8.68 -0.52
CA ASN B 3 -37.63 9.75 -0.50
C ASN B 3 -36.27 9.21 -0.98
N LYS B 4 -35.96 7.94 -0.73
CA LYS B 4 -34.70 7.29 -1.18
C LYS B 4 -35.01 6.40 -2.37
N ASN B 5 -36.21 6.49 -2.95
CA ASN B 5 -36.60 5.71 -4.15
C ASN B 5 -36.50 6.62 -5.36
N THR B 6 -35.67 7.67 -5.30
CA THR B 6 -35.26 8.46 -6.49
C THR B 6 -35.17 7.50 -7.67
N PRO B 7 -35.93 7.75 -8.77
CA PRO B 7 -35.83 6.86 -9.94
C PRO B 7 -34.39 6.80 -10.49
N LEU B 8 -33.93 5.58 -10.77
CA LEU B 8 -32.64 5.28 -11.44
C LEU B 8 -32.95 4.52 -12.71
N ASN B 9 -32.39 4.95 -13.84
CA ASN B 9 -32.60 4.28 -15.16
C ASN B 9 -31.39 3.43 -15.52
N SER B 10 -31.53 2.10 -15.40
CA SER B 10 -30.50 1.09 -15.75
C SER B 10 -30.57 0.74 -17.24
N GLY B 11 -31.48 1.36 -17.99
CA GLY B 11 -31.55 1.21 -19.47
C GLY B 11 -30.51 2.06 -20.17
N LYS B 12 -30.68 2.25 -21.47
CA LYS B 12 -29.83 3.12 -22.30
C LYS B 12 -30.69 3.93 -23.26
N HIS B 13 -30.09 4.93 -23.91
CA HIS B 13 -30.68 5.85 -24.94
C HIS B 13 -29.61 6.07 -26.00
N PRO B 14 -29.43 5.11 -26.93
CA PRO B 14 -28.39 5.23 -27.95
C PRO B 14 -28.41 6.61 -28.61
N ASP B 15 -27.23 7.21 -28.78
CA ASP B 15 -27.01 8.51 -29.47
C ASP B 15 -27.79 9.64 -28.77
N LEU B 16 -28.03 9.55 -27.46
CA LEU B 16 -28.58 10.67 -26.64
C LEU B 16 -27.71 11.92 -26.85
N LYS B 17 -28.34 13.07 -27.10
CA LYS B 17 -27.63 14.34 -27.43
C LYS B 17 -27.96 15.35 -26.34
N ILE B 18 -26.96 15.77 -25.56
CA ILE B 18 -27.14 16.62 -24.36
C ILE B 18 -26.07 17.70 -24.35
N GLU B 19 -26.09 18.60 -23.36
CA GLU B 19 -25.04 19.64 -23.19
C GLU B 19 -24.00 19.18 -22.17
N VAL B 20 -24.45 18.74 -20.99
CA VAL B 20 -23.54 18.43 -19.85
C VAL B 20 -23.78 16.99 -19.42
N ALA B 21 -22.77 16.13 -19.64
CA ALA B 21 -22.70 14.76 -19.07
C ALA B 21 -21.97 14.83 -17.72
N ILE B 22 -22.63 14.49 -16.62
CA ILE B 22 -22.00 14.36 -15.28
C ILE B 22 -21.83 12.87 -15.02
N ILE B 23 -20.58 12.43 -14.87
CA ILE B 23 -20.25 11.02 -14.55
C ILE B 23 -19.85 10.96 -13.08
N GLY B 24 -20.74 10.36 -12.27
CA GLY B 24 -20.61 10.21 -10.80
C GLY B 24 -21.84 10.79 -10.13
N ALA B 25 -22.70 9.95 -9.59
CA ALA B 25 -23.91 10.33 -8.84
C ALA B 25 -23.58 10.39 -7.35
N GLY B 26 -22.31 10.70 -7.05
CA GLY B 26 -21.84 11.09 -5.71
C GLY B 26 -22.31 12.49 -5.41
N THR B 27 -21.95 12.99 -4.23
CA THR B 27 -22.42 14.29 -3.71
C THR B 27 -22.07 15.39 -4.71
N SER B 28 -20.84 15.44 -5.22
CA SER B 28 -20.42 16.55 -6.13
C SER B 28 -21.19 16.48 -7.45
N GLY B 29 -21.37 15.30 -8.00
CA GLY B 29 -22.06 15.14 -9.30
C GLY B 29 -23.52 15.53 -9.18
N LEU B 30 -24.16 15.11 -8.09
CA LEU B 30 -25.59 15.43 -7.82
C LEU B 30 -25.72 16.95 -7.65
N TYR B 31 -24.80 17.56 -6.89
CA TYR B 31 -24.81 19.00 -6.58
C TYR B 31 -24.64 19.77 -7.90
N THR B 32 -23.74 19.32 -8.78
CA THR B 32 -23.49 19.96 -10.08
C THR B 32 -24.82 20.02 -10.87
N ALA B 33 -25.55 18.91 -10.94
CA ALA B 33 -26.77 18.74 -11.78
C ALA B 33 -27.89 19.59 -11.19
N TYR B 34 -28.01 19.59 -9.87
CA TYR B 34 -28.97 20.38 -9.07
C TYR B 34 -28.75 21.86 -9.32
N ARG B 35 -27.51 22.36 -9.28
CA ARG B 35 -27.26 23.81 -9.42
C ARG B 35 -27.58 24.20 -10.88
N LEU B 36 -27.10 23.43 -11.84
CA LEU B 36 -27.25 23.74 -13.29
C LEU B 36 -28.74 23.85 -13.65
N VAL B 37 -29.59 22.93 -13.20
CA VAL B 37 -31.02 22.94 -13.65
C VAL B 37 -31.82 23.91 -12.79
N THR B 38 -31.54 24.02 -11.48
CA THR B 38 -32.28 24.91 -10.56
C THR B 38 -32.08 26.37 -10.96
N ASP B 39 -30.88 26.76 -11.40
CA ASP B 39 -30.56 28.14 -11.83
C ASP B 39 -30.91 28.34 -13.31
N LYS B 40 -31.44 27.29 -13.97
CA LYS B 40 -31.92 27.34 -15.39
C LYS B 40 -30.78 27.78 -16.31
N LYS B 41 -29.56 27.30 -16.06
CA LYS B 41 -28.43 27.43 -17.01
C LYS B 41 -28.68 26.47 -18.19
N PHE B 42 -29.34 25.35 -17.94
CA PHE B 42 -29.68 24.32 -18.95
C PHE B 42 -31.05 23.72 -18.61
N LYS B 43 -31.75 23.25 -19.64
CA LYS B 43 -32.96 22.41 -19.48
C LYS B 43 -32.53 21.08 -18.89
N ALA B 44 -33.36 20.46 -18.07
CA ALA B 44 -33.05 19.19 -17.37
C ALA B 44 -32.75 18.05 -18.35
N HIS B 45 -33.24 18.06 -19.59
CA HIS B 45 -32.96 17.00 -20.59
C HIS B 45 -31.54 17.16 -21.14
N ASP B 46 -30.93 18.34 -20.98
CA ASP B 46 -29.56 18.63 -21.49
C ASP B 46 -28.50 18.42 -20.38
N VAL B 47 -28.89 18.12 -19.16
CA VAL B 47 -27.97 17.81 -18.03
C VAL B 47 -28.32 16.42 -17.49
N GLN B 48 -27.44 15.44 -17.71
CA GLN B 48 -27.71 14.02 -17.37
C GLN B 48 -26.58 13.46 -16.48
N ILE B 49 -26.92 12.65 -15.49
CA ILE B 49 -25.95 12.01 -14.56
C ILE B 49 -25.84 10.53 -14.91
N PHE B 50 -24.61 10.01 -14.99
CA PHE B 50 -24.29 8.58 -15.24
C PHE B 50 -23.48 8.02 -14.07
N ASP B 51 -23.89 6.85 -13.57
CA ASP B 51 -23.17 6.11 -12.52
C ASP B 51 -23.19 4.61 -12.79
N MET B 52 -22.08 3.95 -12.51
CA MET B 52 -21.93 2.48 -12.67
C MET B 52 -22.58 1.74 -11.50
N ASN B 53 -22.85 2.40 -10.38
CA ASN B 53 -23.45 1.75 -9.18
C ASN B 53 -24.94 1.55 -9.45
N ASN B 54 -25.59 0.76 -8.58
CA ASN B 54 -27.05 0.49 -8.65
C ASN B 54 -27.73 1.34 -7.58
N LYS B 55 -27.00 2.31 -7.02
CA LYS B 55 -27.57 3.35 -6.15
C LYS B 55 -26.83 4.66 -6.42
N LEU B 56 -27.46 5.78 -6.10
CA LEU B 56 -26.79 7.09 -6.05
C LEU B 56 -26.15 7.24 -4.68
N GLY B 57 -25.22 8.19 -4.54
CA GLY B 57 -24.66 8.60 -3.24
C GLY B 57 -23.15 8.40 -3.16
N GLY B 58 -22.62 7.44 -3.92
CA GLY B 58 -21.19 7.07 -3.83
C GLY B 58 -20.83 6.64 -2.40
N ARG B 59 -19.95 7.39 -1.75
CA ARG B 59 -19.39 7.09 -0.41
C ARG B 59 -20.35 7.52 0.70
N LEU B 60 -21.55 8.01 0.38
CA LEU B 60 -22.67 8.01 1.36
C LEU B 60 -23.55 6.80 1.07
N GLU B 61 -23.65 5.90 2.03
CA GLU B 61 -24.57 4.74 1.92
C GLU B 61 -25.07 4.37 3.32
N SER B 62 -26.33 4.71 3.59
CA SER B 62 -27.02 4.45 4.89
C SER B 62 -27.82 3.15 4.74
N VAL B 63 -27.80 2.30 5.76
CA VAL B 63 -28.49 0.98 5.74
C VAL B 63 -29.32 0.82 7.02
N ILE B 64 -30.39 0.04 6.93
CA ILE B 64 -31.17 -0.49 8.08
C ILE B 64 -30.93 -2.00 8.12
N MET B 65 -30.64 -2.54 9.29
CA MET B 65 -30.48 -4.00 9.48
C MET B 65 -31.69 -4.51 10.26
N PRO B 66 -32.25 -5.69 9.90
CA PRO B 66 -33.40 -6.23 10.62
C PRO B 66 -33.14 -6.31 12.14
N GLY B 67 -34.15 -5.91 12.91
CA GLY B 67 -34.12 -5.87 14.37
C GLY B 67 -33.68 -4.52 14.89
N MET B 68 -33.16 -3.64 14.02
CA MET B 68 -32.65 -2.31 14.47
C MET B 68 -33.27 -1.24 13.58
N ASN B 69 -34.22 -0.51 14.17
CA ASN B 69 -35.09 0.47 13.49
C ASN B 69 -34.43 1.86 13.58
N PHE B 70 -33.22 1.97 13.02
CA PHE B 70 -32.44 3.23 12.86
C PHE B 70 -31.34 2.96 11.82
N TRP B 71 -30.81 4.02 11.22
CA TRP B 71 -29.88 3.94 10.06
C TRP B 71 -28.46 3.72 10.56
N GLY B 72 -27.78 2.67 10.08
CA GLY B 72 -26.31 2.55 10.19
C GLY B 72 -25.61 3.19 9.01
N GLU B 73 -24.36 3.64 9.18
CA GLU B 73 -23.59 4.31 8.12
C GLU B 73 -22.43 3.40 7.63
N LEU B 74 -22.39 3.07 6.33
CA LEU B 74 -21.28 2.35 5.68
C LEU B 74 -20.21 3.34 5.26
N GLY B 75 -20.57 4.61 5.07
CA GLY B 75 -19.64 5.63 4.56
C GLY B 75 -19.74 6.85 5.42
N GLY B 76 -19.91 8.03 4.82
CA GLY B 76 -20.10 9.30 5.56
C GLY B 76 -21.16 9.15 6.65
N MET B 77 -20.91 9.79 7.79
CA MET B 77 -21.63 9.65 9.08
C MET B 77 -22.24 10.99 9.52
N ARG B 78 -21.52 12.11 9.33
CA ARG B 78 -21.73 13.35 10.12
C ARG B 78 -21.13 14.59 9.43
N TYR B 79 -21.64 15.78 9.79
CA TYR B 79 -21.10 17.08 9.31
C TYR B 79 -20.82 18.01 10.50
N LEU B 80 -20.01 19.03 10.23
CA LEU B 80 -19.70 20.16 11.12
C LEU B 80 -20.48 21.38 10.61
N THR B 81 -21.08 22.15 11.52
CA THR B 81 -21.93 23.34 11.22
C THR B 81 -21.06 24.48 10.67
N SER B 82 -19.72 24.40 10.73
CA SER B 82 -18.81 25.33 10.01
C SER B 82 -18.75 25.00 8.51
N GLN B 83 -19.19 23.81 8.09
CA GLN B 83 -19.23 23.38 6.66
C GLN B 83 -20.53 23.95 6.08
N GLN B 84 -20.49 25.14 5.50
CA GLN B 84 -21.75 25.92 5.26
C GLN B 84 -22.55 25.36 4.09
N ILE B 85 -21.94 24.81 3.05
CA ILE B 85 -22.77 24.27 1.94
C ILE B 85 -23.61 23.11 2.51
N VAL B 86 -23.00 22.09 3.12
CA VAL B 86 -23.78 20.89 3.53
C VAL B 86 -24.74 21.28 4.67
N THR B 87 -24.30 22.14 5.60
CA THR B 87 -25.12 22.57 6.75
C THR B 87 -26.35 23.34 6.25
N THR B 88 -26.15 24.32 5.35
CA THR B 88 -27.26 25.16 4.82
C THR B 88 -28.24 24.26 4.07
N LEU B 89 -27.73 23.35 3.21
CA LEU B 89 -28.60 22.42 2.43
C LEU B 89 -29.48 21.61 3.39
N ILE B 90 -28.97 21.26 4.56
CA ILE B 90 -29.70 20.36 5.49
C ILE B 90 -30.65 21.21 6.35
N GLU B 91 -30.18 22.35 6.85
CA GLU B 91 -30.80 23.03 8.02
C GLU B 91 -31.66 24.23 7.61
N GLY B 92 -31.52 24.69 6.37
CA GLY B 92 -32.13 25.94 5.88
C GLY B 92 -31.25 27.12 6.19
N TYR B 93 -31.63 28.33 5.72
CA TYR B 93 -30.81 29.56 5.81
C TYR B 93 -31.61 30.69 6.47
N PRO B 94 -30.94 31.80 6.87
CA PRO B 94 -29.47 31.83 6.98
C PRO B 94 -28.97 31.16 8.27
N LEU B 95 -27.68 30.85 8.35
CA LEU B 95 -27.10 30.10 9.51
C LEU B 95 -27.13 30.96 10.77
N SER B 96 -27.06 32.30 10.63
CA SER B 96 -27.26 33.31 11.71
C SER B 96 -28.57 33.04 12.47
N GLU B 97 -29.67 32.80 11.76
CA GLU B 97 -30.99 32.52 12.39
C GLU B 97 -30.87 31.27 13.29
N LYS B 98 -30.92 31.43 14.61
CA LYS B 98 -30.67 30.30 15.53
C LYS B 98 -31.99 29.71 16.01
N ASP B 99 -33.12 30.32 15.66
CA ASP B 99 -34.47 29.72 15.81
C ASP B 99 -34.74 28.87 14.57
N PRO B 100 -34.89 27.53 14.70
CA PRO B 100 -35.07 26.65 13.54
C PRO B 100 -36.39 26.84 12.80
N ASN B 101 -37.38 27.49 13.45
CA ASN B 101 -38.72 27.80 12.89
C ASN B 101 -38.69 29.04 12.01
N LYS B 102 -37.66 29.88 12.14
CA LYS B 102 -37.46 31.09 11.29
C LYS B 102 -36.43 30.80 10.17
N ARG B 103 -35.90 29.57 10.11
CA ARG B 103 -35.03 29.08 9.00
C ARG B 103 -35.88 28.89 7.74
N THR B 104 -35.35 29.21 6.57
CA THR B 104 -36.00 28.91 5.26
C THR B 104 -35.34 27.68 4.62
N PRO B 105 -36.07 26.55 4.50
CA PRO B 105 -35.55 25.34 3.86
C PRO B 105 -35.04 25.61 2.44
N VAL B 106 -33.98 24.88 2.04
CA VAL B 106 -33.38 24.93 0.68
C VAL B 106 -33.87 23.71 -0.09
N LEU B 107 -33.99 22.57 0.58
CA LEU B 107 -34.43 21.31 -0.07
C LEU B 107 -35.71 20.85 0.64
N LYS B 108 -36.61 20.20 -0.09
CA LYS B 108 -37.96 19.87 0.44
C LYS B 108 -37.88 18.56 1.22
N ASP B 109 -37.01 17.61 0.83
CA ASP B 109 -36.86 16.31 1.53
C ASP B 109 -36.70 16.54 3.04
N LYS B 110 -37.45 15.78 3.84
CA LYS B 110 -37.42 15.89 5.32
C LYS B 110 -36.04 15.43 5.79
N MET B 111 -35.32 16.32 6.47
CA MET B 111 -34.01 16.00 7.06
C MET B 111 -33.99 16.58 8.48
N THR B 112 -33.97 15.70 9.47
CA THR B 112 -33.96 16.04 10.91
C THR B 112 -32.53 16.03 11.41
N PRO B 113 -31.88 17.20 11.56
CA PRO B 113 -30.54 17.28 12.15
C PRO B 113 -30.60 16.85 13.63
N VAL B 114 -29.69 15.98 14.03
CA VAL B 114 -29.54 15.53 15.44
C VAL B 114 -28.06 15.59 15.78
N PRO B 115 -27.68 16.06 16.99
CA PRO B 115 -26.28 16.18 17.37
C PRO B 115 -25.61 14.79 17.30
N PHE B 116 -24.34 14.74 16.88
CA PHE B 116 -23.57 13.47 16.82
C PHE B 116 -23.09 13.15 18.23
N PRO B 117 -23.59 12.07 18.88
CA PRO B 117 -23.18 11.75 20.25
C PRO B 117 -21.65 11.52 20.28
N MET B 118 -20.93 12.23 21.16
CA MET B 118 -19.43 12.25 21.25
C MET B 118 -18.95 11.37 22.41
N GLY B 119 -19.85 11.01 23.33
CA GLY B 119 -19.55 10.18 24.49
C GLY B 119 -18.79 10.93 25.58
N ASP B 120 -18.34 10.15 26.57
CA ASP B 120 -17.79 10.61 27.87
C ASP B 120 -16.34 10.11 27.97
N PRO B 121 -15.32 11.00 27.89
CA PRO B 121 -13.92 10.58 28.00
C PRO B 121 -13.56 9.78 29.28
N SER B 122 -14.41 9.83 30.32
CA SER B 122 -14.28 9.08 31.59
C SER B 122 -14.57 7.60 31.38
N LYS B 123 -15.37 7.26 30.36
CA LYS B 123 -15.81 5.87 30.12
C LYS B 123 -15.19 5.29 28.84
N LEU B 124 -14.89 6.14 27.85
CA LEU B 124 -14.29 5.69 26.56
C LEU B 124 -12.85 5.22 26.78
N LEU B 125 -12.46 4.16 26.08
CA LEU B 125 -11.16 3.47 26.33
C LEU B 125 -10.09 3.95 25.35
N MET B 126 -8.85 3.94 25.83
CA MET B 126 -7.62 4.01 25.03
C MET B 126 -6.77 2.80 25.45
N TYR B 127 -6.48 1.88 24.52
CA TYR B 127 -5.75 0.62 24.77
C TYR B 127 -4.48 0.56 23.91
N LEU B 128 -3.34 0.95 24.49
CA LEU B 128 -2.05 1.16 23.76
C LEU B 128 -0.94 0.33 24.42
N ARG B 129 -0.25 -0.50 23.63
CA ARG B 129 0.84 -1.40 24.11
C ARG B 129 0.36 -2.15 25.36
N LYS B 130 -0.91 -2.60 25.33
CA LYS B 130 -1.55 -3.50 26.34
C LYS B 130 -1.93 -2.73 27.62
N GLU B 131 -1.74 -1.42 27.69
CA GLU B 131 -2.19 -0.57 28.82
C GLU B 131 -3.61 -0.02 28.55
N ARG B 132 -4.55 -0.27 29.45
CA ARG B 132 -5.95 0.19 29.28
C ARG B 132 -6.12 1.49 30.09
N PHE B 133 -6.38 2.59 29.38
CA PHE B 133 -6.68 3.93 29.94
C PHE B 133 -8.14 4.31 29.62
N LYS B 134 -8.70 5.21 30.43
CA LYS B 134 -9.84 6.06 30.05
C LYS B 134 -9.25 7.21 29.22
N GLN B 135 -10.01 7.75 28.27
CA GLN B 135 -9.48 8.80 27.35
C GLN B 135 -9.10 10.06 28.14
N ASN B 136 -9.63 10.26 29.36
CA ASN B 136 -9.39 11.50 30.15
C ASN B 136 -8.13 11.35 31.01
N ALA B 137 -7.45 10.19 30.96
CA ALA B 137 -6.36 9.80 31.89
C ALA B 137 -5.29 10.90 31.95
N TRP B 138 -4.94 11.50 30.80
CA TRP B 138 -3.85 12.50 30.72
C TRP B 138 -4.26 13.75 31.50
N ASN B 139 -5.53 14.16 31.38
CA ASN B 139 -6.09 15.35 32.06
C ASN B 139 -6.17 15.12 33.58
N GLU B 140 -6.64 13.94 33.99
CA GLU B 140 -6.76 13.56 35.41
C GLU B 140 -5.37 13.61 36.06
N ALA B 141 -4.35 13.06 35.41
CA ALA B 141 -2.95 13.16 35.89
C ALA B 141 -2.55 14.63 36.02
N GLN B 142 -2.85 15.46 35.02
CA GLN B 142 -2.40 16.88 34.98
C GLN B 142 -3.10 17.67 36.10
N LYS B 143 -4.31 17.26 36.50
CA LYS B 143 -5.10 17.93 37.56
C LYS B 143 -4.42 17.68 38.92
N LYS B 144 -3.78 16.53 39.10
CA LYS B 144 -3.03 16.13 40.32
C LYS B 144 -1.54 16.49 40.21
N GLY B 145 -1.17 17.45 39.34
CA GLY B 145 0.22 17.92 39.18
C GLY B 145 1.15 16.89 38.53
N GLU B 146 0.60 15.75 38.07
CA GLU B 146 1.37 14.55 37.61
C GLU B 146 1.49 14.55 36.08
N LYS B 147 2.45 13.75 35.62
CA LYS B 147 2.69 13.41 34.20
C LYS B 147 2.36 11.92 34.02
N LEU B 148 1.25 11.62 33.33
CA LEU B 148 0.83 10.22 33.09
C LEU B 148 1.97 9.47 32.40
N PRO B 149 2.45 8.35 32.97
CA PRO B 149 3.39 7.48 32.26
C PRO B 149 2.63 6.65 31.22
N THR B 150 3.24 6.43 30.04
CA THR B 150 2.74 5.47 29.02
C THR B 150 3.88 4.55 28.63
N ARG B 151 3.56 3.51 27.85
CA ARG B 151 4.57 2.53 27.38
C ARG B 151 5.21 3.04 26.09
N TYR B 152 5.05 4.32 25.75
CA TYR B 152 5.84 5.03 24.71
C TYR B 152 6.95 5.83 25.38
N TYR B 153 8.15 5.77 24.80
CA TYR B 153 9.34 6.48 25.32
C TYR B 153 9.46 7.82 24.60
N LEU B 154 8.63 8.77 25.02
CA LEU B 154 8.63 10.14 24.44
C LEU B 154 9.94 10.83 24.81
N ASN B 155 10.34 11.84 24.05
CA ASN B 155 11.35 12.82 24.50
C ASN B 155 10.92 13.36 25.89
N GLU B 156 11.88 13.79 26.71
CA GLU B 156 11.60 14.12 28.14
C GLU B 156 10.66 15.32 28.20
N ASN B 157 10.83 16.28 27.29
CA ASN B 157 10.06 17.56 27.21
C ASN B 157 8.59 17.31 26.85
N ASP B 158 8.22 16.10 26.40
CA ASP B 158 6.85 15.77 25.97
C ASP B 158 6.21 14.87 27.02
N LEU B 159 6.92 14.49 28.08
CA LEU B 159 6.39 13.49 29.04
C LEU B 159 5.05 14.00 29.61
N GLY B 160 4.05 13.11 29.72
CA GLY B 160 2.74 13.43 30.32
C GLY B 160 1.77 14.15 29.39
N PHE B 161 2.20 14.58 28.19
CA PHE B 161 1.32 15.19 27.15
C PHE B 161 0.36 14.14 26.58
N SER B 162 -0.89 14.56 26.32
CA SER B 162 -1.90 13.84 25.51
C SER B 162 -1.54 14.03 24.03
N SER B 163 -2.11 13.19 23.15
CA SER B 163 -1.91 13.29 21.68
C SER B 163 -2.37 14.66 21.22
N ASP B 164 -3.59 15.07 21.61
CA ASP B 164 -4.12 16.44 21.33
C ASP B 164 -3.08 17.50 21.72
N GLN B 165 -2.62 17.51 22.97
CA GLN B 165 -1.70 18.59 23.49
C GLN B 165 -0.39 18.54 22.69
N LEU B 166 0.16 17.35 22.47
CA LEU B 166 1.47 17.19 21.78
C LEU B 166 1.32 17.63 20.33
N PHE B 167 0.23 17.27 19.66
CA PHE B 167 -0.07 17.75 18.28
C PHE B 167 -0.09 19.29 18.25
N ASN B 168 -0.77 19.92 19.22
CA ASN B 168 -0.90 21.40 19.30
C ASN B 168 0.51 22.01 19.43
N LYS B 169 1.32 21.47 20.33
CA LYS B 169 2.71 21.93 20.60
C LYS B 169 3.56 21.85 19.33
N ILE B 170 3.48 20.73 18.61
CA ILE B 170 4.26 20.53 17.34
C ILE B 170 3.91 21.65 16.35
N ILE B 171 2.61 21.86 16.14
CA ILE B 171 2.12 22.85 15.13
C ILE B 171 2.51 24.26 15.58
N TYR B 172 2.31 24.60 16.86
CA TYR B 172 2.75 25.88 17.47
C TYR B 172 4.25 26.08 17.17
N ASP B 173 5.07 25.09 17.54
CA ASP B 173 6.56 25.19 17.44
C ASP B 173 6.94 25.46 15.98
N VAL B 174 6.35 24.71 15.05
CA VAL B 174 6.73 24.85 13.62
C VAL B 174 6.29 26.23 13.13
N LEU B 175 5.06 26.64 13.49
CA LEU B 175 4.51 27.95 13.03
C LEU B 175 5.40 29.07 13.55
N MET B 176 5.69 29.07 14.85
CA MET B 176 6.35 30.21 15.53
C MET B 176 7.84 30.30 15.14
N ALA B 177 8.43 29.21 14.64
CA ALA B 177 9.85 29.19 14.19
C ALA B 177 10.00 29.88 12.83
N ASP B 178 8.91 30.08 12.10
CA ASP B 178 8.96 30.88 10.83
C ASP B 178 8.75 32.35 11.21
N PRO B 179 9.78 33.21 11.07
CA PRO B 179 9.71 34.57 11.61
C PRO B 179 8.59 35.39 10.93
N TRP B 180 8.38 35.19 9.62
CA TRP B 180 7.28 35.85 8.88
C TRP B 180 5.92 35.43 9.48
N VAL B 181 5.74 34.15 9.83
CA VAL B 181 4.45 33.66 10.42
C VAL B 181 4.32 34.23 11.84
N ALA B 182 5.37 34.13 12.66
CA ALA B 182 5.46 34.70 14.03
C ALA B 182 5.00 36.17 14.01
N GLU B 183 5.62 37.00 13.17
CA GLU B 183 5.34 38.45 13.04
C GLU B 183 3.89 38.65 12.61
N THR B 184 3.48 38.02 11.50
CA THR B 184 2.20 38.30 10.82
C THR B 184 1.03 37.67 11.59
N TYR B 185 1.22 36.53 12.25
CA TYR B 185 0.06 35.73 12.78
C TYR B 185 0.24 35.33 14.24
N GLY B 186 1.29 35.81 14.91
CA GLY B 186 1.58 35.45 16.32
C GLY B 186 0.39 35.68 17.24
N SER B 187 -0.42 36.71 16.98
CA SER B 187 -1.61 37.08 17.80
C SER B 187 -2.65 35.96 17.76
N LYS B 188 -2.58 35.05 16.78
CA LYS B 188 -3.57 33.97 16.58
C LYS B 188 -2.98 32.60 16.90
N ILE B 189 -1.72 32.56 17.38
CA ILE B 189 -0.95 31.32 17.72
C ILE B 189 -0.49 31.45 19.18
N ILE B 190 -1.23 30.79 20.08
CA ILE B 190 -1.32 31.21 21.51
C ILE B 190 -0.78 30.10 22.42
N LYS B 191 0.31 30.39 23.13
CA LYS B 191 0.84 29.58 24.27
C LYS B 191 0.13 30.06 25.54
N GLY B 192 -0.77 29.23 26.11
CA GLY B 192 -1.42 29.44 27.43
C GLY B 192 -0.45 29.30 28.59
N SER B 193 -0.92 29.40 29.84
CA SER B 193 -0.05 29.44 31.06
C SER B 193 0.52 28.04 31.35
N SER B 194 -0.32 27.01 31.42
CA SER B 194 0.07 25.58 31.62
C SER B 194 0.96 25.10 30.46
N VAL B 195 1.97 24.27 30.76
CA VAL B 195 2.96 23.77 29.76
C VAL B 195 2.20 23.09 28.61
N TYR B 196 1.00 22.56 28.89
CA TYR B 196 0.22 21.67 27.99
C TYR B 196 -0.71 22.47 27.06
N ASP B 197 -0.89 23.78 27.30
CA ASP B 197 -1.98 24.59 26.68
C ASP B 197 -1.44 25.37 25.48
N TYR B 198 -1.92 24.97 24.31
CA TYR B 198 -1.65 25.62 23.01
C TYR B 198 -3.00 25.72 22.28
N SER B 199 -3.30 26.89 21.69
CA SER B 199 -4.55 27.12 20.93
C SER B 199 -4.27 28.03 19.73
N PHE B 200 -5.19 28.02 18.77
CA PHE B 200 -5.08 28.68 17.45
C PHE B 200 -6.39 29.41 17.12
N LYS B 201 -6.28 30.60 16.55
CA LYS B 201 -7.42 31.39 16.01
C LYS B 201 -7.17 31.68 14.54
N LEU B 202 -6.36 30.86 13.87
CA LEU B 202 -6.09 31.00 12.42
C LEU B 202 -7.34 30.56 11.65
N THR B 203 -7.77 31.39 10.69
CA THR B 203 -8.96 31.18 9.83
C THR B 203 -8.55 30.46 8.54
N SER B 204 -9.54 29.87 7.87
CA SER B 204 -9.44 29.34 6.49
C SER B 204 -8.57 30.28 5.66
N ARG B 205 -8.90 31.58 5.67
CA ARG B 205 -8.19 32.62 4.88
C ARG B 205 -6.71 32.68 5.32
N ASP B 206 -6.45 32.67 6.62
CA ASP B 206 -5.08 32.78 7.20
C ASP B 206 -4.26 31.56 6.74
N TRP B 207 -4.83 30.36 6.87
CA TRP B 207 -4.19 29.09 6.44
C TRP B 207 -3.84 29.17 4.94
N ASP B 208 -4.69 29.79 4.11
CA ASP B 208 -4.44 29.88 2.64
C ASP B 208 -3.27 30.82 2.34
N ASP B 209 -3.03 31.80 3.20
CA ASP B 209 -1.85 32.70 3.07
C ASP B 209 -0.60 31.93 3.50
N ILE B 210 -0.72 31.16 4.60
CA ILE B 210 0.39 30.50 5.35
C ILE B 210 0.91 29.27 4.58
N LYS B 211 0.03 28.35 4.20
CA LYS B 211 0.40 26.99 3.70
C LYS B 211 1.44 27.09 2.58
N PRO B 212 1.29 27.98 1.57
CA PRO B 212 2.28 28.06 0.48
C PRO B 212 3.63 28.69 0.87
N LYS B 213 3.69 29.42 1.98
CA LYS B 213 4.86 30.27 2.34
C LYS B 213 5.66 29.64 3.48
N LEU B 214 4.98 29.01 4.43
CA LEU B 214 5.54 28.47 5.70
C LEU B 214 6.84 27.72 5.41
N VAL B 215 7.93 28.12 6.08
CA VAL B 215 9.30 27.52 5.98
C VAL B 215 9.55 26.79 7.31
N TYR B 216 10.13 25.60 7.21
CA TYR B 216 10.56 24.75 8.34
C TYR B 216 11.92 25.27 8.77
N ASN B 217 11.96 25.94 9.93
CA ASN B 217 13.15 26.69 10.42
C ASN B 217 13.68 25.97 11.65
N PHE B 218 14.51 24.95 11.41
CA PHE B 218 15.13 24.06 12.42
C PHE B 218 16.52 23.70 11.95
N PRO B 219 17.56 24.54 12.25
CA PRO B 219 18.90 24.36 11.68
C PRO B 219 19.59 22.98 11.78
N ASN B 220 19.24 22.13 12.73
CA ASN B 220 19.87 20.78 12.80
C ASN B 220 19.06 19.72 12.03
N SER B 221 17.87 20.08 11.53
CA SER B 221 16.95 19.10 10.88
C SER B 221 17.43 18.80 9.46
N PRO B 222 17.26 17.55 9.00
CA PRO B 222 17.45 17.24 7.58
C PRO B 222 16.57 18.08 6.64
N TYR B 223 15.43 18.58 7.16
CA TYR B 223 14.37 19.29 6.39
C TYR B 223 14.50 20.83 6.51
N ASP B 224 15.58 21.34 7.10
CA ASP B 224 15.74 22.78 7.41
C ASP B 224 15.62 23.60 6.12
N GLN B 225 14.91 24.72 6.18
CA GLN B 225 14.82 25.75 5.10
C GLN B 225 13.96 25.23 3.95
N ARG B 226 13.25 24.12 4.13
CA ARG B 226 12.32 23.61 3.11
C ARG B 226 10.93 24.11 3.51
N LYS B 227 10.07 24.36 2.52
CA LYS B 227 8.63 24.64 2.78
C LYS B 227 8.01 23.44 3.53
N VAL B 228 7.21 23.71 4.55
CA VAL B 228 6.48 22.65 5.31
C VAL B 228 5.61 21.87 4.31
N ASN B 229 5.14 22.55 3.27
CA ASN B 229 4.44 21.95 2.10
C ASN B 229 5.22 20.74 1.55
N ASP B 230 6.57 20.79 1.54
CA ASP B 230 7.48 19.80 0.89
C ASP B 230 7.87 18.63 1.82
N ILE B 231 7.36 18.61 3.06
CA ILE B 231 7.69 17.61 4.12
C ILE B 231 6.47 16.74 4.44
N GLY B 232 6.65 15.42 4.39
CA GLY B 232 5.60 14.48 4.81
C GLY B 232 5.33 14.63 6.29
N PHE B 233 4.10 14.41 6.73
CA PHE B 233 3.63 14.67 8.11
C PHE B 233 4.29 13.70 9.08
N TRP B 234 4.49 12.44 8.65
CA TRP B 234 5.27 11.46 9.44
C TRP B 234 6.75 11.91 9.46
N ASN B 235 7.33 12.30 8.34
CA ASN B 235 8.68 12.92 8.33
C ASN B 235 8.76 14.00 9.43
N LEU B 236 7.80 14.91 9.45
CA LEU B 236 7.83 16.14 10.29
C LEU B 236 7.58 15.77 11.75
N ILE B 237 6.57 14.92 12.03
CA ILE B 237 6.29 14.45 13.42
C ILE B 237 7.50 13.71 14.01
N LYS B 238 8.12 12.76 13.30
CA LYS B 238 9.33 12.10 13.86
C LYS B 238 10.37 13.18 14.19
N ASP B 239 10.62 14.09 13.26
CA ASP B 239 11.68 15.12 13.44
C ASP B 239 11.41 15.89 14.74
N GLN B 240 10.16 16.15 15.07
CA GLN B 240 9.79 17.05 16.19
C GLN B 240 9.75 16.27 17.51
N VAL B 241 9.24 15.03 17.54
CA VAL B 241 8.99 14.34 18.84
C VAL B 241 9.56 12.92 18.81
N SER B 242 10.45 12.60 17.88
CA SER B 242 11.12 11.28 17.75
C SER B 242 10.14 10.22 17.23
N GLN B 243 10.67 9.07 16.81
CA GLN B 243 9.85 7.99 16.21
C GLN B 243 8.88 7.45 17.26
N GLU B 244 9.31 7.36 18.52
CA GLU B 244 8.43 6.92 19.62
C GLU B 244 7.26 7.92 19.75
N GLY B 245 7.54 9.21 19.55
CA GLY B 245 6.50 10.26 19.56
C GLY B 245 5.50 10.03 18.44
N TYR B 246 6.01 9.74 17.24
CA TYR B 246 5.13 9.46 16.06
C TYR B 246 4.26 8.24 16.36
N GLU B 247 4.85 7.21 16.96
CA GLU B 247 4.14 5.94 17.27
C GLU B 247 2.96 6.28 18.19
N PHE B 248 3.19 7.15 19.18
CA PHE B 248 2.18 7.56 20.18
C PHE B 248 1.02 8.26 19.45
N LEU B 249 1.34 9.29 18.68
CA LEU B 249 0.34 10.15 17.98
C LEU B 249 -0.44 9.34 16.95
N ALA B 250 0.25 8.45 16.20
CA ALA B 250 -0.34 7.65 15.10
C ALA B 250 -1.39 6.71 15.68
N ASN B 251 -1.15 6.18 16.87
CA ASN B 251 -1.99 5.13 17.48
C ASN B 251 -3.05 5.78 18.38
N ALA B 252 -2.65 6.78 19.18
CA ALA B 252 -3.54 7.46 20.16
C ALA B 252 -4.48 8.39 19.42
N GLY B 253 -4.06 8.94 18.28
CA GLY B 253 -4.86 9.88 17.47
C GLY B 253 -6.22 9.27 17.15
N GLY B 254 -6.23 8.02 16.67
CA GLY B 254 -7.41 7.34 16.10
C GLY B 254 -7.65 7.72 14.64
N TYR B 255 -8.92 7.72 14.20
CA TYR B 255 -9.37 8.12 12.83
C TYR B 255 -9.51 9.64 12.74
N TYR B 256 -9.82 10.31 13.87
CA TYR B 256 -9.90 11.79 14.04
C TYR B 256 -8.58 12.44 13.60
N SER B 257 -7.49 11.71 13.81
CA SER B 257 -6.10 12.08 13.42
C SER B 257 -5.76 11.42 12.08
N ASN B 258 -5.18 12.19 11.15
CA ASN B 258 -4.54 11.66 9.92
C ASN B 258 -3.03 11.80 10.06
N THR B 259 -2.33 10.71 10.40
CA THR B 259 -0.87 10.74 10.63
C THR B 259 -0.08 10.02 9.53
N ILE B 260 -0.70 9.73 8.37
CA ILE B 260 0.06 9.13 7.22
C ILE B 260 1.03 10.19 6.72
N ASN B 261 1.95 9.82 5.85
CA ASN B 261 3.03 10.73 5.40
C ASN B 261 2.51 11.60 4.27
N TRP B 262 1.47 12.38 4.57
CA TRP B 262 0.85 13.35 3.61
C TRP B 262 1.36 14.77 3.87
N ASN B 263 0.89 15.72 3.04
CA ASN B 263 1.34 17.13 3.02
C ASN B 263 1.24 17.74 4.41
N SER B 264 2.37 18.12 5.02
CA SER B 264 2.41 18.77 6.38
C SER B 264 1.66 20.11 6.38
N ALA B 265 1.81 20.94 5.36
CA ALA B 265 1.10 22.25 5.26
C ALA B 265 -0.42 22.00 5.36
N GLU B 266 -0.93 20.99 4.65
CA GLU B 266 -2.37 20.65 4.63
C GLU B 266 -2.77 19.98 5.96
N ALA B 267 -1.90 19.18 6.58
CA ALA B 267 -2.22 18.43 7.81
C ALA B 267 -2.43 19.38 9.01
N PHE B 268 -1.77 20.53 9.02
CA PHE B 268 -1.77 21.48 10.18
C PHE B 268 -3.21 21.92 10.44
N PRO B 269 -3.90 22.59 9.48
CA PRO B 269 -5.30 22.97 9.70
C PRO B 269 -6.23 21.77 9.93
N TYR B 270 -5.98 20.63 9.27
CA TYR B 270 -6.77 19.40 9.46
C TYR B 270 -6.77 19.06 10.95
N MET B 271 -5.62 19.20 11.62
CA MET B 271 -5.43 18.77 13.02
C MET B 271 -5.98 19.80 14.00
N VAL B 272 -5.83 21.11 13.74
CA VAL B 272 -6.19 22.19 14.72
C VAL B 272 -7.37 23.03 14.23
N GLY B 273 -8.11 22.59 13.21
CA GLY B 273 -9.36 23.25 12.76
C GLY B 273 -9.11 24.56 12.03
N ASP B 274 -10.07 24.97 11.19
CA ASP B 274 -10.27 26.36 10.72
C ASP B 274 -11.10 27.08 11.79
N PHE B 275 -10.48 27.98 12.57
CA PHE B 275 -11.06 28.53 13.82
C PHE B 275 -12.39 29.23 13.55
N SER B 276 -13.40 28.86 14.35
CA SER B 276 -14.85 29.07 14.10
C SER B 276 -15.66 28.35 15.19
N ALA B 277 -15.24 28.45 16.45
CA ALA B 277 -15.73 27.64 17.60
C ALA B 277 -17.14 28.09 18.00
N GLY B 278 -17.85 27.22 18.73
CA GLY B 278 -19.31 27.23 18.83
C GLY B 278 -19.93 26.20 17.90
N THR B 279 -19.17 25.66 16.93
CA THR B 279 -19.65 24.66 15.94
C THR B 279 -19.45 23.23 16.49
N ILE B 280 -20.34 22.32 16.11
CA ILE B 280 -20.46 20.94 16.66
C ILE B 280 -20.70 19.96 15.51
N TYR B 281 -20.57 18.66 15.79
CA TYR B 281 -20.83 17.55 14.86
C TYR B 281 -22.31 17.18 14.94
N LYS B 282 -22.95 16.99 13.78
CA LYS B 282 -24.36 16.52 13.70
C LYS B 282 -24.47 15.43 12.62
N THR B 283 -25.56 14.67 12.65
CA THR B 283 -25.97 13.74 11.58
C THR B 283 -27.46 13.95 11.25
N ILE B 284 -28.02 13.09 10.39
CA ILE B 284 -29.43 13.14 9.91
C ILE B 284 -30.11 11.88 10.41
N GLU B 285 -31.23 12.04 11.12
CA GLU B 285 -32.02 10.94 11.72
C GLU B 285 -32.36 9.90 10.65
N GLU B 286 -32.65 10.34 9.41
CA GLU B 286 -33.11 9.49 8.27
C GLU B 286 -31.90 8.91 7.51
N GLY B 287 -30.70 8.99 8.08
CA GLY B 287 -29.45 8.48 7.45
C GLY B 287 -28.71 9.61 6.75
N TYR B 288 -27.40 9.70 6.96
CA TYR B 288 -26.56 10.77 6.36
C TYR B 288 -26.65 10.74 4.83
N ASP B 289 -26.93 9.61 4.18
CA ASP B 289 -27.09 9.58 2.69
C ASP B 289 -28.32 10.38 2.23
N SER B 290 -29.20 10.78 3.15
CA SER B 290 -30.38 11.66 2.91
C SER B 290 -29.95 12.93 2.18
N ILE B 291 -28.80 13.53 2.53
CA ILE B 291 -28.34 14.77 1.82
C ILE B 291 -28.19 14.46 0.33
N ALA B 292 -27.68 13.28 -0.05
CA ALA B 292 -27.49 12.89 -1.46
C ALA B 292 -28.87 12.74 -2.12
N TYR B 293 -29.79 12.05 -1.46
CA TYR B 293 -31.15 11.81 -2.00
C TYR B 293 -31.87 13.16 -2.17
N ALA B 294 -31.71 14.07 -1.21
CA ALA B 294 -32.35 15.42 -1.22
C ALA B 294 -31.88 16.24 -2.44
N VAL B 295 -30.58 16.25 -2.71
CA VAL B 295 -30.00 16.98 -3.86
C VAL B 295 -30.45 16.30 -5.16
N ALA B 296 -30.43 14.96 -5.19
CA ALA B 296 -30.85 14.18 -6.36
C ALA B 296 -32.33 14.46 -6.68
N ASN B 297 -33.18 14.47 -5.66
CA ASN B 297 -34.66 14.59 -5.85
C ASN B 297 -34.98 16.00 -6.32
N SER B 298 -34.27 17.00 -5.82
CA SER B 298 -34.44 18.39 -6.29
C SER B 298 -34.15 18.41 -7.80
N TYR B 299 -33.09 17.74 -8.24
CA TYR B 299 -32.75 17.64 -9.69
C TYR B 299 -33.84 16.85 -10.43
N MET B 300 -34.27 15.71 -9.88
CA MET B 300 -35.19 14.74 -10.55
C MET B 300 -36.63 15.26 -10.57
N GLU B 301 -36.95 16.34 -9.87
CA GLU B 301 -38.29 16.99 -9.93
C GLU B 301 -38.51 17.61 -11.33
N HIS B 302 -37.45 17.89 -12.09
CA HIS B 302 -37.56 18.45 -13.47
C HIS B 302 -37.82 17.32 -14.47
N GLU B 303 -38.83 17.49 -15.32
CA GLU B 303 -39.09 16.58 -16.46
C GLU B 303 -37.86 16.59 -17.37
N GLY B 304 -37.39 15.40 -17.76
CA GLY B 304 -36.22 15.22 -18.65
C GLY B 304 -34.94 14.95 -17.86
N ALA B 305 -34.93 15.19 -16.54
CA ALA B 305 -33.83 14.84 -15.62
C ALA B 305 -33.71 13.33 -15.54
N CYS B 306 -32.47 12.82 -15.60
CA CYS B 306 -32.27 11.36 -15.50
C CYS B 306 -30.92 11.01 -14.88
N ILE B 307 -30.93 10.12 -13.88
CA ILE B 307 -29.72 9.41 -13.40
C ILE B 307 -29.66 8.07 -14.12
N TRP B 308 -28.67 7.92 -15.00
CA TRP B 308 -28.43 6.63 -15.67
C TRP B 308 -27.56 5.77 -14.76
N SER B 309 -28.17 4.79 -14.09
CA SER B 309 -27.49 3.88 -13.14
C SER B 309 -27.00 2.63 -13.89
N GLU B 310 -26.11 1.89 -13.26
CA GLU B 310 -25.53 0.66 -13.87
C GLU B 310 -25.07 0.97 -15.29
N ASN B 311 -24.49 2.16 -15.46
CA ASN B 311 -23.97 2.64 -16.76
C ASN B 311 -22.60 3.23 -16.51
N LYS B 312 -21.57 2.59 -17.06
CA LYS B 312 -20.17 2.85 -16.71
C LYS B 312 -19.52 3.57 -17.89
N LEU B 313 -18.97 4.76 -17.64
CA LEU B 313 -18.16 5.44 -18.66
C LEU B 313 -16.90 4.61 -18.92
N LEU B 314 -16.64 4.32 -20.19
CA LEU B 314 -15.43 3.63 -20.67
C LEU B 314 -14.41 4.64 -21.22
N THR B 315 -14.83 5.50 -22.14
CA THR B 315 -13.94 6.38 -22.91
C THR B 315 -14.75 7.55 -23.45
N PHE B 316 -14.05 8.50 -24.03
CA PHE B 316 -14.66 9.64 -24.75
C PHE B 316 -13.63 10.16 -25.79
N THR B 317 -14.12 10.71 -26.90
CA THR B 317 -13.32 11.20 -28.06
C THR B 317 -13.94 12.47 -28.67
N LYS B 318 -13.10 13.27 -29.33
CA LYS B 318 -13.52 14.43 -30.18
C LYS B 318 -13.73 13.98 -31.63
N ASP B 319 -13.30 12.75 -31.96
CA ASP B 319 -13.34 12.15 -33.33
C ASP B 319 -14.57 11.26 -33.43
N HIS B 320 -15.67 11.83 -33.92
CA HIS B 320 -17.01 11.18 -34.04
C HIS B 320 -17.80 11.88 -35.13
N PRO B 321 -18.97 11.34 -35.54
CA PRO B 321 -19.75 11.94 -36.62
C PRO B 321 -20.39 13.33 -36.37
N LEU B 322 -20.56 13.75 -35.12
CA LEU B 322 -21.46 14.88 -34.77
C LEU B 322 -20.67 16.09 -34.28
N THR B 323 -19.43 16.25 -34.74
CA THR B 323 -18.54 17.35 -34.32
C THR B 323 -19.17 18.71 -34.62
N ASN B 324 -20.16 18.80 -35.52
CA ASN B 324 -20.81 20.10 -35.85
C ASN B 324 -21.66 20.56 -34.67
N THR B 325 -22.33 19.66 -33.92
CA THR B 325 -23.26 20.02 -32.80
C THR B 325 -22.65 19.72 -31.42
N HIS B 326 -21.74 18.74 -31.32
CA HIS B 326 -21.28 18.16 -30.02
C HIS B 326 -19.77 17.90 -30.05
N LYS B 327 -19.03 18.54 -29.15
CA LYS B 327 -17.57 18.37 -29.03
C LYS B 327 -17.24 16.89 -28.77
N TYR B 328 -18.01 16.21 -27.92
CA TYR B 328 -17.55 14.92 -27.31
C TYR B 328 -18.56 13.81 -27.58
N GLU B 329 -18.02 12.63 -27.87
CA GLU B 329 -18.77 11.35 -27.88
C GLU B 329 -18.28 10.52 -26.70
N LEU B 330 -19.20 10.14 -25.83
CA LEU B 330 -18.93 9.31 -24.63
C LEU B 330 -19.42 7.90 -24.98
N THR B 331 -18.61 6.88 -24.69
CA THR B 331 -19.01 5.44 -24.80
C THR B 331 -19.29 4.93 -23.39
N PHE B 332 -20.54 4.54 -23.11
CA PHE B 332 -20.97 3.95 -21.81
C PHE B 332 -21.15 2.44 -22.01
N LEU B 333 -20.86 1.67 -20.96
CA LEU B 333 -21.20 0.23 -20.90
C LEU B 333 -22.46 0.10 -20.04
N ASN B 334 -23.54 -0.34 -20.67
CA ASN B 334 -24.81 -0.69 -19.97
C ASN B 334 -24.60 -2.06 -19.34
N LEU B 335 -24.42 -2.10 -18.02
CA LEU B 335 -23.98 -3.30 -17.26
C LEU B 335 -25.02 -4.43 -17.33
N LYS B 336 -26.31 -4.08 -17.35
CA LYS B 336 -27.42 -5.08 -17.39
C LYS B 336 -27.41 -5.86 -18.71
N THR B 337 -26.95 -5.28 -19.83
CA THR B 337 -26.92 -5.93 -21.16
C THR B 337 -25.48 -6.21 -21.62
N ASN B 338 -24.49 -5.72 -20.88
CA ASN B 338 -23.09 -5.70 -21.33
C ASN B 338 -23.00 -5.17 -22.76
N THR B 339 -23.76 -4.13 -23.14
CA THR B 339 -23.66 -3.48 -24.49
C THR B 339 -23.16 -2.04 -24.37
N GLN B 340 -22.41 -1.58 -25.35
CA GLN B 340 -21.89 -0.19 -25.43
C GLN B 340 -22.90 0.70 -26.16
N TRP B 341 -23.07 1.94 -25.68
CA TRP B 341 -23.90 3.00 -26.28
C TRP B 341 -23.20 4.36 -26.19
N LYS B 342 -23.61 5.30 -27.03
CA LYS B 342 -22.93 6.59 -27.21
C LYS B 342 -23.82 7.69 -26.64
N VAL B 343 -23.20 8.63 -25.97
CA VAL B 343 -23.83 9.93 -25.59
C VAL B 343 -22.97 11.04 -26.21
N TYR B 344 -23.63 12.07 -26.74
CA TYR B 344 -23.00 13.26 -27.35
C TYR B 344 -23.25 14.44 -26.41
N ALA B 345 -22.19 15.20 -26.10
CA ALA B 345 -22.21 16.29 -25.11
C ALA B 345 -21.16 17.34 -25.45
N ASN B 346 -21.33 18.56 -24.93
CA ASN B 346 -20.37 19.68 -25.12
C ASN B 346 -19.54 19.89 -23.86
N SER B 347 -19.98 19.39 -22.70
CA SER B 347 -19.28 19.51 -21.39
C SER B 347 -19.28 18.15 -20.69
N ILE B 348 -18.14 17.74 -20.14
CA ILE B 348 -18.01 16.51 -19.32
C ILE B 348 -17.55 16.89 -17.91
N VAL B 349 -18.32 16.46 -16.91
CA VAL B 349 -17.95 16.63 -15.47
C VAL B 349 -17.69 15.24 -14.92
N LEU B 350 -16.42 14.98 -14.62
CA LEU B 350 -15.92 13.76 -13.94
C LEU B 350 -15.96 14.01 -12.43
N ALA B 351 -17.09 13.67 -11.84
CA ALA B 351 -17.40 13.89 -10.40
C ALA B 351 -17.02 12.61 -9.68
N MET B 352 -15.72 12.32 -9.68
CA MET B 352 -15.21 10.98 -9.32
C MET B 352 -13.78 11.09 -8.79
N PRO B 353 -13.39 10.17 -7.87
CA PRO B 353 -12.07 10.21 -7.23
C PRO B 353 -10.97 9.70 -8.16
N ARG B 354 -9.75 9.72 -7.63
CA ARG B 354 -8.49 9.40 -8.37
C ARG B 354 -8.64 8.04 -9.05
N LYS B 355 -9.03 7.01 -8.28
CA LYS B 355 -9.10 5.62 -8.82
C LYS B 355 -10.07 5.57 -10.01
N SER B 356 -11.17 6.27 -9.91
CA SER B 356 -12.22 6.27 -10.97
C SER B 356 -11.64 6.84 -12.27
N LEU B 357 -10.85 7.91 -12.18
CA LEU B 357 -10.21 8.57 -13.36
C LEU B 357 -9.21 7.60 -13.99
N GLU B 358 -8.41 6.94 -13.16
CA GLU B 358 -7.37 6.00 -13.62
C GLU B 358 -8.02 4.80 -14.31
N LEU B 359 -9.26 4.44 -13.97
CA LEU B 359 -9.94 3.26 -14.56
C LEU B 359 -10.58 3.61 -15.91
N LEU B 360 -10.67 4.91 -16.24
CA LEU B 360 -11.18 5.33 -17.58
C LEU B 360 -10.09 4.97 -18.60
N ASP B 361 -10.43 4.98 -19.89
CA ASP B 361 -9.49 4.75 -20.99
C ASP B 361 -8.36 5.78 -20.88
N GLN B 362 -7.13 5.31 -20.65
CA GLN B 362 -5.96 6.23 -20.49
C GLN B 362 -5.34 6.57 -21.85
N ASN B 363 -5.86 6.03 -22.96
CA ASN B 363 -5.27 6.19 -24.32
C ASN B 363 -5.98 7.30 -25.12
N ASN B 364 -7.06 7.90 -24.60
CA ASN B 364 -7.86 8.91 -25.36
C ASN B 364 -7.11 10.25 -25.33
N PHE B 365 -7.65 11.28 -25.98
CA PHE B 365 -6.97 12.60 -26.16
C PHE B 365 -6.68 13.24 -24.78
N PHE B 366 -7.60 13.05 -23.82
CA PHE B 366 -7.57 13.72 -22.50
C PHE B 366 -6.46 13.12 -21.62
N PHE B 367 -6.42 11.80 -21.45
CA PHE B 367 -5.53 11.10 -20.48
C PHE B 367 -4.18 10.70 -21.12
N ASN B 368 -4.15 10.46 -22.44
CA ASN B 368 -2.96 9.88 -23.12
C ASN B 368 -1.71 10.57 -22.59
N ILE B 369 -0.78 9.81 -21.98
CA ILE B 369 0.41 10.36 -21.27
C ILE B 369 1.45 10.93 -22.26
N ASN B 370 1.42 10.52 -23.53
CA ASN B 370 2.25 11.08 -24.64
C ASN B 370 1.91 12.55 -24.91
N LYS B 371 0.69 13.00 -24.57
CA LYS B 371 0.23 14.42 -24.71
C LYS B 371 0.19 15.08 -23.34
N ASN B 372 -0.55 14.49 -22.38
CA ASN B 372 -0.96 15.15 -21.10
C ASN B 372 -0.30 14.46 -19.90
N SER B 373 1.04 14.52 -19.86
CA SER B 373 1.86 14.08 -18.70
C SER B 373 1.56 14.95 -17.48
N VAL B 374 1.17 16.21 -17.69
CA VAL B 374 0.87 17.21 -16.61
C VAL B 374 -0.39 16.76 -15.87
N LEU B 375 -1.42 16.37 -16.62
CA LEU B 375 -2.69 15.88 -16.05
C LEU B 375 -2.39 14.64 -15.20
N ASN B 376 -1.63 13.69 -15.73
CA ASN B 376 -1.28 12.41 -15.07
C ASN B 376 -0.54 12.68 -13.76
N ASN B 377 0.43 13.60 -13.75
CA ASN B 377 1.20 13.99 -12.55
C ASN B 377 0.23 14.56 -11.50
N ASN B 378 -0.75 15.34 -11.92
CA ASN B 378 -1.69 16.03 -10.98
C ASN B 378 -2.73 15.04 -10.45
N ILE B 379 -3.13 14.06 -11.27
CA ILE B 379 -4.03 12.95 -10.82
C ILE B 379 -3.32 12.19 -9.69
N ARG B 380 -2.00 12.05 -9.77
CA ARG B 380 -1.21 11.28 -8.77
C ARG B 380 -0.79 12.14 -7.58
N SER B 381 -1.34 13.35 -7.43
CA SER B 381 -0.99 14.34 -6.39
C SER B 381 -1.67 14.02 -5.04
N VAL B 382 -2.56 13.03 -4.98
CA VAL B 382 -3.27 12.67 -3.72
C VAL B 382 -3.07 11.18 -3.44
N ILE B 383 -2.94 10.86 -2.15
CA ILE B 383 -2.90 9.48 -1.59
C ILE B 383 -4.33 8.93 -1.50
N MET B 384 -4.51 7.71 -1.96
CA MET B 384 -5.76 6.91 -1.82
C MET B 384 -5.72 6.16 -0.48
N GLU B 385 -6.38 6.71 0.56
CA GLU B 385 -6.41 6.12 1.92
C GLU B 385 -7.48 5.04 1.96
N PRO B 386 -7.13 3.79 2.31
CA PRO B 386 -8.11 2.73 2.41
C PRO B 386 -9.09 2.97 3.57
N ALA B 387 -10.30 2.47 3.43
CA ALA B 387 -11.28 2.40 4.52
C ALA B 387 -12.19 1.22 4.23
N PHE B 388 -12.68 0.57 5.26
CA PHE B 388 -13.84 -0.35 5.12
C PHE B 388 -14.82 -0.01 6.23
N ALA B 389 -16.02 -0.56 6.17
CA ALA B 389 -17.00 -0.38 7.28
C ALA B 389 -17.51 -1.76 7.66
N ILE B 390 -17.45 -2.10 8.94
CA ILE B 390 -18.17 -3.30 9.45
C ILE B 390 -19.18 -2.84 10.51
N LEU B 391 -20.45 -2.98 10.17
CA LEU B 391 -21.57 -2.74 11.12
C LEU B 391 -21.92 -4.07 11.76
N MET B 392 -22.02 -4.10 13.09
CA MET B 392 -22.36 -5.33 13.84
C MET B 392 -23.55 -5.07 14.76
N GLY B 393 -24.54 -5.96 14.68
CA GLY B 393 -25.78 -5.92 15.49
C GLY B 393 -25.69 -6.95 16.61
N PHE B 394 -25.78 -6.49 17.86
CA PHE B 394 -25.82 -7.33 19.09
C PHE B 394 -27.23 -7.31 19.72
N GLU B 395 -27.62 -8.40 20.40
CA GLU B 395 -28.97 -8.55 21.04
C GLU B 395 -29.11 -7.57 22.21
N TYR B 396 -28.02 -7.02 22.73
CA TYR B 396 -28.03 -5.94 23.76
C TYR B 396 -26.76 -5.11 23.69
N PRO B 397 -26.81 -3.85 24.18
CA PRO B 397 -25.63 -2.98 24.19
C PRO B 397 -24.69 -3.31 25.35
N TRP B 398 -23.88 -4.36 25.16
CA TRP B 398 -22.85 -4.83 26.14
C TRP B 398 -21.97 -3.67 26.61
N TRP B 399 -21.81 -2.62 25.80
CA TRP B 399 -20.93 -1.47 26.16
C TRP B 399 -21.51 -0.66 27.32
N LYS B 400 -22.82 -0.73 27.56
CA LYS B 400 -23.46 0.06 28.64
C LYS B 400 -22.99 -0.47 30.00
N GLU B 401 -22.56 -1.74 30.09
CA GLU B 401 -22.00 -2.34 31.33
C GLU B 401 -20.79 -1.52 31.79
N LEU B 402 -20.13 -0.78 30.90
CA LEU B 402 -18.92 0.04 31.24
C LEU B 402 -19.30 1.51 31.36
N GLY B 403 -20.60 1.81 31.31
CA GLY B 403 -21.13 3.19 31.37
C GLY B 403 -20.88 3.94 30.08
N ILE B 404 -20.76 3.22 28.96
CA ILE B 404 -20.55 3.82 27.60
C ILE B 404 -21.91 3.88 26.90
N ASP B 405 -22.33 5.10 26.57
CA ASP B 405 -23.58 5.50 25.88
C ASP B 405 -23.34 5.54 24.36
N SER B 406 -22.16 6.01 23.97
CA SER B 406 -21.88 6.64 22.67
C SER B 406 -20.39 6.97 22.57
N GLY B 407 -19.93 7.38 21.38
CA GLY B 407 -18.55 7.79 21.10
C GLY B 407 -17.70 6.63 20.60
N HIS B 408 -16.40 6.76 20.78
CA HIS B 408 -15.32 6.00 20.10
C HIS B 408 -14.34 5.47 21.16
N SER B 409 -14.00 4.18 21.12
CA SER B 409 -12.79 3.65 21.81
C SER B 409 -11.65 3.54 20.79
N ILE B 410 -10.41 3.81 21.20
CA ILE B 410 -9.19 3.88 20.34
C ILE B 410 -8.13 2.89 20.86
N THR B 411 -7.46 2.18 19.95
CA THR B 411 -6.45 1.14 20.28
C THR B 411 -5.36 1.05 19.20
N ASP B 412 -4.16 0.58 19.55
CA ASP B 412 -3.10 0.20 18.59
C ASP B 412 -3.37 -1.22 18.09
N LEU B 413 -4.44 -1.87 18.51
CA LEU B 413 -4.81 -3.18 17.93
C LEU B 413 -5.21 -2.90 16.49
N PRO B 414 -5.16 -3.87 15.57
CA PRO B 414 -5.46 -3.59 14.17
C PRO B 414 -6.85 -2.97 13.92
N MET B 415 -7.84 -3.22 14.78
CA MET B 415 -9.20 -2.63 14.61
C MET B 415 -9.14 -1.11 14.72
N ARG B 416 -8.17 -0.57 15.45
CA ARG B 416 -7.86 0.88 15.58
C ARG B 416 -8.93 1.64 16.38
N GLN B 417 -10.22 1.41 16.13
CA GLN B 417 -11.31 2.27 16.68
C GLN B 417 -12.68 1.63 16.44
N CYS B 418 -13.57 1.66 17.43
CA CYS B 418 -15.00 1.28 17.29
C CYS B 418 -15.89 2.43 17.76
N TYR B 419 -17.05 2.60 17.12
CA TYR B 419 -18.09 3.59 17.49
C TYR B 419 -19.31 2.84 18.00
N TYR B 420 -19.75 3.15 19.21
CA TYR B 420 -20.97 2.57 19.84
C TYR B 420 -22.14 3.40 19.30
N PHE B 421 -22.95 2.82 18.43
CA PHE B 421 -23.88 3.65 17.61
C PHE B 421 -25.20 3.87 18.33
N GLY B 422 -25.94 2.82 18.65
CA GLY B 422 -27.34 3.02 19.07
C GLY B 422 -28.00 1.73 19.47
N THR B 423 -29.10 1.85 20.23
CA THR B 423 -29.92 0.73 20.74
C THR B 423 -31.37 0.97 20.30
N ASP B 424 -32.03 -0.05 19.77
CA ASP B 424 -33.48 0.00 19.40
C ASP B 424 -34.26 -0.24 20.69
N PRO B 425 -34.99 0.78 21.23
CA PRO B 425 -35.59 0.68 22.57
C PRO B 425 -36.70 -0.38 22.67
N GLU B 426 -37.26 -0.83 21.55
CA GLU B 426 -38.26 -1.92 21.50
C GLU B 426 -37.55 -3.27 21.65
N THR B 427 -36.52 -3.51 20.83
CA THR B 427 -35.85 -4.83 20.67
C THR B 427 -34.60 -4.91 21.57
N ASN B 428 -33.97 -3.77 21.87
CA ASN B 428 -32.67 -3.68 22.60
C ASN B 428 -31.50 -4.08 21.67
N ASN B 429 -31.78 -4.51 20.44
CA ASN B 429 -30.74 -4.81 19.44
C ASN B 429 -29.95 -3.52 19.19
N SER B 430 -28.63 -3.63 19.15
CA SER B 430 -27.69 -2.49 19.33
C SER B 430 -26.53 -2.62 18.33
N MET B 431 -26.01 -1.48 17.87
CA MET B 431 -25.16 -1.40 16.67
C MET B 431 -23.77 -0.87 17.06
N LEU B 432 -22.74 -1.60 16.67
CA LEU B 432 -21.33 -1.15 16.71
C LEU B 432 -20.87 -0.95 15.25
N LEU B 433 -20.17 0.14 14.98
CA LEU B 433 -19.28 0.30 13.81
C LEU B 433 -17.89 -0.16 14.27
N GLY B 434 -17.48 -1.32 13.77
CA GLY B 434 -16.39 -2.13 14.37
C GLY B 434 -15.03 -1.51 14.09
N SER B 435 -14.91 -0.77 12.99
CA SER B 435 -13.59 -0.35 12.48
C SER B 435 -13.81 0.21 11.09
N TYR B 436 -12.95 1.15 10.69
CA TYR B 436 -12.71 1.58 9.30
C TYR B 436 -11.39 0.99 8.77
N GLY B 437 -10.68 0.22 9.61
CA GLY B 437 -9.27 -0.13 9.37
C GLY B 437 -8.53 1.15 9.00
N ASP B 438 -7.44 1.04 8.24
CA ASP B 438 -6.61 2.20 7.81
C ASP B 438 -5.41 1.70 7.00
N MET B 439 -4.51 2.59 6.56
CA MET B 439 -3.42 2.18 5.63
C MET B 439 -2.57 1.07 6.29
N GLU B 440 -2.11 1.29 7.51
CA GLU B 440 -1.22 0.35 8.28
C GLU B 440 -1.85 -1.06 8.29
N THR B 441 -3.17 -1.14 8.52
CA THR B 441 -3.99 -2.32 8.95
C THR B 441 -4.78 -2.93 7.80
N GLU B 442 -4.69 -2.34 6.61
CA GLU B 442 -5.42 -2.80 5.40
C GLU B 442 -5.08 -4.28 5.15
N THR B 443 -3.80 -4.64 5.13
CA THR B 443 -3.34 -6.02 4.83
C THR B 443 -3.78 -7.00 5.92
N PHE B 444 -3.73 -6.63 7.22
CA PHE B 444 -4.23 -7.45 8.36
C PHE B 444 -5.67 -7.91 8.05
N TRP B 445 -6.54 -6.97 7.66
CA TRP B 445 -8.00 -7.18 7.50
C TRP B 445 -8.32 -7.75 6.12
N LYS B 446 -7.59 -7.38 5.07
CA LYS B 446 -7.92 -7.80 3.68
C LYS B 446 -7.85 -9.33 3.52
N ALA B 447 -6.84 -9.98 4.10
CA ALA B 447 -6.71 -11.47 4.07
C ALA B 447 -7.94 -12.09 4.72
N LEU B 448 -8.56 -11.42 5.68
CA LEU B 448 -9.73 -11.98 6.40
C LEU B 448 -11.00 -11.66 5.60
N SER B 449 -11.14 -10.45 5.08
CA SER B 449 -12.34 -10.01 4.34
C SER B 449 -12.41 -10.68 2.95
N ASP B 450 -11.28 -11.12 2.39
CA ASP B 450 -11.21 -11.84 1.09
C ASP B 450 -11.59 -13.31 1.27
N ASP B 451 -11.58 -13.81 2.50
CA ASP B 451 -11.92 -15.24 2.73
C ASP B 451 -13.34 -15.50 2.22
N LYS B 452 -13.62 -16.75 1.82
CA LYS B 452 -14.86 -17.13 1.12
C LYS B 452 -15.99 -17.48 2.10
N VAL B 453 -15.71 -17.81 3.37
CA VAL B 453 -16.78 -18.25 4.30
C VAL B 453 -17.39 -17.02 5.00
N LEU B 454 -18.63 -16.71 4.66
CA LEU B 454 -19.38 -15.53 5.15
C LEU B 454 -19.98 -15.86 6.52
N PHE B 455 -20.03 -14.88 7.41
CA PHE B 455 -20.74 -14.92 8.71
C PHE B 455 -22.19 -15.30 8.45
N GLU B 456 -22.72 -16.27 9.20
CA GLU B 456 -24.14 -16.73 9.09
C GLU B 456 -25.01 -15.86 10.01
N VAL B 457 -26.03 -15.24 9.44
CA VAL B 457 -27.01 -14.43 10.24
C VAL B 457 -27.69 -15.35 11.27
N LYS B 458 -28.19 -14.76 12.35
CA LYS B 458 -28.82 -15.48 13.48
C LYS B 458 -30.03 -14.65 13.93
N ALA B 459 -31.16 -15.30 14.19
CA ALA B 459 -32.43 -14.65 14.59
C ALA B 459 -32.21 -13.92 15.92
N ALA B 460 -32.82 -12.72 16.04
CA ALA B 460 -32.95 -11.94 17.29
C ALA B 460 -34.38 -11.40 17.35
N LYS B 461 -34.68 -10.59 18.35
CA LYS B 461 -36.00 -9.92 18.50
C LYS B 461 -36.26 -9.07 17.24
N SER B 462 -37.44 -9.24 16.62
CA SER B 462 -37.93 -8.45 15.47
C SER B 462 -37.02 -8.63 14.24
N ALA B 463 -36.22 -9.70 14.23
CA ALA B 463 -35.26 -10.05 13.16
C ALA B 463 -35.33 -11.57 12.89
N SER B 464 -36.21 -11.98 11.97
CA SER B 464 -36.36 -13.40 11.58
C SER B 464 -35.28 -13.77 10.56
N LEU B 465 -34.96 -15.06 10.46
CA LEU B 465 -33.95 -15.62 9.50
C LEU B 465 -34.28 -15.15 8.08
N ARG B 466 -35.57 -15.10 7.73
CA ARG B 466 -36.05 -14.79 6.36
C ARG B 466 -35.69 -13.33 6.04
N GLU B 467 -35.92 -12.40 6.99
CA GLU B 467 -35.53 -10.97 6.90
C GLU B 467 -34.00 -10.86 6.77
N LEU B 468 -33.25 -11.53 7.65
CA LEU B 468 -31.77 -11.42 7.73
C LEU B 468 -31.13 -12.03 6.47
N HIS B 469 -31.65 -13.15 5.95
CA HIS B 469 -31.08 -13.86 4.78
C HIS B 469 -31.10 -12.97 3.53
N GLN B 470 -31.86 -11.87 3.55
CA GLN B 470 -31.81 -10.86 2.45
C GLN B 470 -30.42 -10.18 2.45
N LEU B 471 -29.73 -10.16 3.60
CA LEU B 471 -28.41 -9.50 3.78
C LEU B 471 -27.26 -10.53 3.70
N ASP B 472 -27.52 -11.79 3.33
CA ASP B 472 -26.48 -12.86 3.23
C ASP B 472 -25.25 -12.33 2.47
N ASP B 473 -25.48 -11.61 1.38
CA ASP B 473 -24.50 -11.09 0.40
C ASP B 473 -23.50 -10.09 0.98
N VAL B 474 -23.90 -9.37 2.03
CA VAL B 474 -23.18 -8.18 2.55
C VAL B 474 -22.70 -8.48 3.97
N GLN B 475 -22.77 -9.74 4.40
CA GLN B 475 -22.17 -10.15 5.69
C GLN B 475 -20.65 -10.08 5.59
N ALA B 476 -19.98 -9.65 6.65
CA ALA B 476 -18.52 -9.80 6.82
C ALA B 476 -18.17 -11.30 6.79
N THR B 477 -16.90 -11.64 6.66
CA THR B 477 -16.45 -13.06 6.70
C THR B 477 -16.45 -13.51 8.17
N LYS B 478 -16.57 -14.82 8.40
CA LYS B 478 -16.47 -15.41 9.75
C LYS B 478 -15.11 -15.05 10.36
N LEU B 479 -14.03 -15.16 9.56
CA LEU B 479 -12.68 -14.86 10.03
C LEU B 479 -12.61 -13.40 10.46
N MET B 480 -13.18 -12.46 9.69
CA MET B 480 -13.12 -11.02 10.05
C MET B 480 -13.96 -10.79 11.31
N VAL B 481 -15.15 -11.39 11.42
CA VAL B 481 -16.05 -11.21 12.61
C VAL B 481 -15.38 -11.83 13.84
N GLY B 482 -14.89 -13.05 13.73
CA GLY B 482 -14.23 -13.73 14.87
C GLY B 482 -13.05 -12.93 15.38
N GLU B 483 -12.16 -12.46 14.47
CA GLU B 483 -10.94 -11.73 14.88
C GLU B 483 -11.31 -10.36 15.45
N LEU B 484 -12.32 -9.69 14.89
CA LEU B 484 -12.75 -8.38 15.44
C LEU B 484 -13.34 -8.58 16.85
N MET B 485 -14.15 -9.61 17.03
CA MET B 485 -14.74 -9.98 18.34
C MET B 485 -13.61 -10.24 19.34
N ASN B 486 -12.59 -11.00 18.94
CA ASN B 486 -11.37 -11.24 19.77
C ASN B 486 -10.77 -9.89 20.19
N GLN B 487 -10.62 -8.96 19.25
CA GLN B 487 -9.97 -7.66 19.56
C GLN B 487 -10.89 -6.83 20.43
N LEU B 488 -12.21 -6.91 20.26
CA LEU B 488 -13.16 -6.17 21.14
C LEU B 488 -13.05 -6.68 22.58
N ARG B 489 -12.89 -8.00 22.76
CA ARG B 489 -12.75 -8.62 24.12
C ARG B 489 -11.45 -8.11 24.73
N GLU B 490 -10.34 -8.11 23.99
CA GLU B 490 -9.03 -7.60 24.48
C GLU B 490 -9.13 -6.10 24.78
N LEU B 491 -9.75 -5.32 23.89
CA LEU B 491 -9.85 -3.85 24.09
C LEU B 491 -10.60 -3.55 25.39
N HIS B 492 -11.76 -4.18 25.61
CA HIS B 492 -12.72 -3.79 26.68
C HIS B 492 -12.31 -4.44 28.01
N GLY B 493 -11.64 -5.59 27.95
CA GLY B 493 -11.13 -6.31 29.14
C GLY B 493 -12.10 -7.39 29.58
N ASP B 494 -11.76 -8.12 30.63
CA ASP B 494 -12.52 -9.33 31.04
C ASP B 494 -13.66 -8.92 32.00
N THR B 495 -13.81 -7.64 32.35
CA THR B 495 -14.90 -7.15 33.26
C THR B 495 -16.25 -7.09 32.51
N VAL B 496 -16.28 -7.22 31.17
CA VAL B 496 -17.55 -7.31 30.37
C VAL B 496 -17.50 -8.54 29.48
N THR B 497 -18.58 -9.33 29.48
CA THR B 497 -18.80 -10.48 28.58
C THR B 497 -19.38 -9.90 27.28
N ILE B 498 -18.78 -10.17 26.12
CA ILE B 498 -19.29 -9.66 24.80
C ILE B 498 -19.91 -10.83 24.05
N PRO B 499 -21.24 -10.83 23.87
CA PRO B 499 -21.92 -11.93 23.18
C PRO B 499 -21.63 -11.81 21.69
N GLU B 500 -21.88 -12.89 20.94
CA GLU B 500 -21.68 -12.93 19.47
C GLU B 500 -22.73 -12.02 18.84
N PRO B 501 -22.42 -11.34 17.72
CA PRO B 501 -23.41 -10.55 16.99
C PRO B 501 -24.35 -11.50 16.24
N TYR B 502 -25.51 -11.00 15.80
CA TYR B 502 -26.56 -11.77 15.10
C TYR B 502 -26.64 -11.36 13.62
N VAL B 503 -26.11 -10.20 13.28
CA VAL B 503 -26.06 -9.68 11.88
C VAL B 503 -24.84 -8.75 11.74
N THR B 504 -24.29 -8.69 10.53
CA THR B 504 -23.19 -7.73 10.17
C THR B 504 -23.52 -7.09 8.83
N TYR B 505 -22.81 -6.01 8.51
CA TYR B 505 -22.84 -5.32 7.19
C TYR B 505 -21.42 -4.84 6.87
N PHE B 506 -20.89 -5.25 5.74
CA PHE B 506 -19.47 -5.00 5.37
C PHE B 506 -19.44 -4.25 4.05
N LYS B 507 -18.67 -3.17 4.00
CA LYS B 507 -18.34 -2.47 2.73
C LYS B 507 -16.83 -2.24 2.70
N ASP B 508 -16.16 -2.56 1.60
CA ASP B 508 -14.73 -2.21 1.42
C ASP B 508 -14.64 -1.08 0.42
N TRP B 509 -14.27 0.12 0.87
CA TRP B 509 -14.19 1.31 0.00
C TRP B 509 -12.94 1.28 -0.89
N THR B 510 -12.00 0.34 -0.70
CA THR B 510 -10.83 0.17 -1.62
C THR B 510 -11.31 -0.47 -2.93
N ASP B 511 -12.46 -1.18 -2.92
CA ASP B 511 -13.03 -1.80 -4.14
C ASP B 511 -13.14 -0.73 -5.23
N GLU B 512 -13.00 -1.13 -6.49
CA GLU B 512 -13.27 -0.26 -7.67
C GLU B 512 -14.73 0.10 -7.62
N PRO B 513 -15.14 1.31 -8.06
CA PRO B 513 -14.22 2.30 -8.65
C PRO B 513 -13.63 3.29 -7.65
N PHE B 514 -13.90 3.11 -6.36
CA PHE B 514 -13.53 4.07 -5.29
C PHE B 514 -12.02 4.03 -5.01
N GLY B 515 -11.47 2.82 -4.78
CA GLY B 515 -10.05 2.62 -4.45
C GLY B 515 -9.59 3.38 -3.21
N ALA B 516 -10.51 3.90 -2.39
CA ALA B 516 -10.16 4.76 -1.23
C ALA B 516 -11.43 5.13 -0.45
N GLY B 517 -11.32 5.30 0.86
CA GLY B 517 -12.36 5.97 1.65
C GLY B 517 -12.26 7.48 1.47
N TYR B 518 -11.05 7.99 1.29
CA TYR B 518 -10.74 9.44 1.33
C TYR B 518 -9.34 9.64 0.76
N HIS B 519 -8.98 10.88 0.51
CA HIS B 519 -7.69 11.23 -0.14
C HIS B 519 -6.92 12.20 0.74
N ALA B 520 -5.62 12.33 0.45
CA ALA B 520 -4.67 13.15 1.23
C ALA B 520 -3.62 13.71 0.28
N TRP B 521 -3.53 15.03 0.20
CA TRP B 521 -2.52 15.73 -0.63
C TRP B 521 -1.11 15.19 -0.30
N LYS B 522 -0.28 14.96 -1.31
CA LYS B 522 1.12 14.56 -1.09
C LYS B 522 1.95 15.81 -0.78
N ALA B 523 2.99 15.66 0.04
CA ALA B 523 4.08 16.64 0.16
C ALA B 523 4.62 16.96 -1.23
N GLY B 524 5.03 18.20 -1.44
CA GLY B 524 5.84 18.58 -2.61
C GLY B 524 4.99 18.99 -3.78
N PHE B 525 3.66 18.99 -3.62
CA PHE B 525 2.70 19.48 -4.65
C PHE B 525 2.22 20.87 -4.25
N SER B 526 2.04 21.76 -5.22
CA SER B 526 1.48 23.10 -4.98
C SER B 526 -0.05 22.99 -4.97
N VAL B 527 -0.62 22.67 -3.84
CA VAL B 527 -2.08 22.36 -3.73
C VAL B 527 -2.87 23.55 -4.28
N GLU B 528 -2.47 24.79 -3.94
CA GLU B 528 -3.24 26.00 -4.33
C GLU B 528 -3.34 26.07 -5.86
N ASN B 529 -2.40 25.47 -6.59
CA ASN B 529 -2.38 25.45 -8.07
C ASN B 529 -2.98 24.16 -8.65
N VAL B 530 -2.93 23.04 -7.93
CA VAL B 530 -3.46 21.75 -8.48
C VAL B 530 -4.99 21.82 -8.47
N MET B 531 -5.59 22.33 -7.41
CA MET B 531 -7.06 22.40 -7.27
C MET B 531 -7.70 23.11 -8.46
N PRO B 532 -7.36 24.39 -8.77
CA PRO B 532 -7.90 25.05 -9.96
C PRO B 532 -7.59 24.30 -11.26
N TYR B 533 -6.40 23.71 -11.37
CA TYR B 533 -6.02 22.89 -12.54
C TYR B 533 -7.06 21.75 -12.69
N MET B 534 -7.38 21.04 -11.61
CA MET B 534 -8.22 19.82 -11.73
C MET B 534 -9.64 20.20 -12.12
N ARG B 535 -10.09 21.40 -11.76
CA ARG B 535 -11.48 21.83 -12.11
C ARG B 535 -11.57 22.14 -13.62
N LYS B 536 -10.44 22.31 -14.33
CA LYS B 536 -10.42 22.38 -15.82
C LYS B 536 -9.01 22.14 -16.32
N PRO B 537 -8.58 20.87 -16.43
CA PRO B 537 -7.21 20.54 -16.81
C PRO B 537 -6.70 21.12 -18.14
N LEU B 538 -7.48 21.00 -19.21
CA LEU B 538 -7.09 21.47 -20.57
C LEU B 538 -7.82 22.77 -20.92
N THR B 539 -7.08 23.82 -21.30
CA THR B 539 -7.59 25.18 -21.65
C THR B 539 -8.59 25.12 -22.81
N ASP B 540 -8.37 24.23 -23.79
CA ASP B 540 -9.22 24.10 -25.00
C ASP B 540 -10.35 23.07 -24.83
N GLU B 541 -10.64 22.56 -23.63
CA GLU B 541 -11.64 21.48 -23.45
C GLU B 541 -12.60 21.80 -22.31
N GLN B 542 -13.87 21.51 -22.51
CA GLN B 542 -14.93 21.69 -21.50
C GLN B 542 -15.05 20.37 -20.71
N ILE B 543 -13.95 19.96 -20.08
CA ILE B 543 -13.83 18.74 -19.25
C ILE B 543 -13.27 19.17 -17.89
N HIS B 544 -13.97 18.76 -16.84
CA HIS B 544 -13.83 19.22 -15.45
C HIS B 544 -13.79 18.02 -14.52
N ILE B 545 -12.97 18.10 -13.46
CA ILE B 545 -12.96 17.10 -12.37
C ILE B 545 -13.38 17.83 -11.10
N CYS B 546 -14.30 17.25 -10.35
CA CYS B 546 -14.76 17.74 -9.04
C CYS B 546 -15.04 16.56 -8.12
N GLY B 547 -15.26 16.82 -6.84
CA GLY B 547 -15.37 15.77 -5.82
C GLY B 547 -14.41 16.00 -4.64
N GLU B 548 -14.44 15.10 -3.68
CA GLU B 548 -13.65 15.21 -2.44
C GLU B 548 -12.15 15.07 -2.72
N ALA B 549 -11.75 14.24 -3.70
CA ALA B 549 -10.37 13.73 -3.82
C ALA B 549 -9.36 14.88 -3.98
N TYR B 550 -9.69 15.89 -4.80
CA TYR B 550 -8.82 17.06 -5.07
C TYR B 550 -9.43 18.31 -4.43
N SER B 551 -10.23 18.13 -3.37
CA SER B 551 -10.75 19.22 -2.49
C SER B 551 -9.68 19.57 -1.45
N ASP B 552 -9.85 20.68 -0.72
CA ASP B 552 -9.01 21.05 0.44
C ASP B 552 -9.78 20.75 1.72
N GLN B 553 -10.90 20.04 1.62
CA GLN B 553 -11.63 19.49 2.77
C GLN B 553 -11.79 17.99 2.54
N GLN B 554 -10.67 17.32 2.29
CA GLN B 554 -10.62 15.86 2.08
C GLN B 554 -11.15 15.18 3.33
N GLY B 555 -11.87 14.07 3.12
CA GLY B 555 -12.56 13.30 4.16
C GLY B 555 -14.00 13.75 4.32
N TRP B 556 -14.43 14.75 3.55
CA TRP B 556 -15.71 15.46 3.83
C TRP B 556 -16.55 15.66 2.56
N VAL B 557 -17.85 15.46 2.69
CA VAL B 557 -18.87 15.92 1.69
C VAL B 557 -18.65 17.40 1.34
N GLU B 558 -18.31 18.22 2.32
CA GLU B 558 -18.13 19.68 2.09
C GLU B 558 -17.02 19.87 1.04
N GLY B 559 -15.99 19.01 1.04
CA GLY B 559 -14.94 19.13 0.01
C GLY B 559 -15.51 18.91 -1.38
N ALA B 560 -16.37 17.90 -1.55
CA ALA B 560 -16.95 17.58 -2.86
C ALA B 560 -17.85 18.76 -3.27
N PHE B 561 -18.70 19.26 -2.36
CA PHE B 561 -19.62 20.38 -2.66
C PHE B 561 -18.79 21.59 -3.05
N CYS B 562 -17.75 21.95 -2.28
CA CYS B 562 -16.96 23.18 -2.56
C CYS B 562 -16.28 23.12 -3.92
N GLU B 563 -15.73 21.97 -4.33
CA GLU B 563 -15.02 21.89 -5.63
C GLU B 563 -16.03 21.99 -6.80
N ALA B 564 -17.18 21.33 -6.69
CA ALA B 564 -18.31 21.48 -7.65
C ALA B 564 -18.72 22.97 -7.72
N GLU B 565 -18.97 23.60 -6.57
CA GLU B 565 -19.39 25.04 -6.48
C GLU B 565 -18.38 25.94 -7.17
N LYS B 566 -17.08 25.73 -6.94
CA LYS B 566 -16.03 26.59 -7.53
C LYS B 566 -16.05 26.39 -9.04
N MET B 567 -16.10 25.13 -9.46
CA MET B 567 -16.18 24.78 -10.90
C MET B 567 -17.40 25.45 -11.52
N LEU B 568 -18.54 25.44 -10.83
CA LEU B 568 -19.81 26.04 -11.33
C LEU B 568 -19.64 27.55 -11.57
N GLN B 569 -19.07 28.28 -10.58
CA GLN B 569 -18.86 29.75 -10.65
C GLN B 569 -17.80 30.07 -11.69
N GLU B 570 -16.84 29.17 -11.94
CA GLU B 570 -15.68 29.43 -12.83
C GLU B 570 -16.05 29.23 -14.30
N TYR B 571 -16.76 28.15 -14.62
CA TYR B 571 -16.94 27.68 -16.02
C TYR B 571 -18.41 27.64 -16.43
N PHE B 572 -19.36 27.60 -15.50
CA PHE B 572 -20.79 27.36 -15.85
C PHE B 572 -21.66 28.59 -15.55
N GLY B 573 -21.05 29.76 -15.29
CA GLY B 573 -21.72 31.07 -15.24
C GLY B 573 -22.73 31.17 -14.12
N LEU B 574 -22.55 30.40 -13.03
CA LEU B 574 -23.42 30.46 -11.84
C LEU B 574 -22.82 31.45 -10.85
N ASP B 575 -23.68 32.15 -10.10
CA ASP B 575 -23.26 32.99 -8.95
C ASP B 575 -23.26 32.08 -7.72
N ARG B 576 -22.69 32.55 -6.62
CA ARG B 576 -22.85 31.89 -5.31
C ARG B 576 -24.34 31.67 -5.14
N PRO B 577 -24.81 30.54 -4.59
CA PRO B 577 -26.23 30.37 -4.30
C PRO B 577 -26.73 31.46 -3.35
N TYR B 578 -27.98 31.92 -3.53
CA TYR B 578 -28.64 32.94 -2.68
C TYR B 578 -28.58 32.52 -1.22
N TRP B 579 -28.71 31.21 -0.96
CA TRP B 579 -28.83 30.64 0.42
C TRP B 579 -27.44 30.52 1.07
N LEU B 580 -26.35 30.75 0.33
CA LEU B 580 -24.97 30.57 0.86
C LEU B 580 -24.40 31.94 1.21
N SER B 581 -24.07 32.11 2.51
CA SER B 581 -23.49 33.36 3.07
C SER B 581 -22.32 33.80 2.20
N PRO B 582 -22.24 35.11 1.83
CA PRO B 582 -21.08 35.62 1.10
C PRO B 582 -19.76 35.59 1.88
N ASP B 583 -19.81 35.43 3.21
CA ASP B 583 -18.59 35.41 4.06
C ASP B 583 -18.00 34.00 4.16
N TYR B 584 -18.73 32.95 3.71
CA TYR B 584 -18.19 31.57 3.63
C TYR B 584 -17.04 31.55 2.64
N TYR B 585 -15.82 31.36 3.12
CA TYR B 585 -14.61 31.45 2.28
C TYR B 585 -14.53 30.22 1.37
N LEU B 586 -14.40 30.45 0.06
CA LEU B 586 -14.25 29.41 -0.98
C LEU B 586 -12.96 29.66 -1.78
N GLY B 587 -12.01 30.47 -1.30
CA GLY B 587 -10.70 30.62 -1.97
C GLY B 587 -10.76 31.41 -3.28
N TRP B 588 -9.86 31.14 -4.22
CA TRP B 588 -9.72 31.88 -5.52
C TRP B 588 -10.58 31.22 -6.61
PA FAD C . 13.21 -9.65 -13.10
O1A FAD C . 14.57 -9.50 -12.52
O2A FAD C . 11.92 -9.20 -12.49
O5B FAD C . 13.27 -9.07 -14.59
C5B FAD C . 12.10 -8.86 -15.41
C4B FAD C . 12.54 -8.14 -16.66
O4B FAD C . 11.41 -7.90 -17.53
C3B FAD C . 13.19 -6.77 -16.42
O3B FAD C . 14.52 -6.75 -16.94
C2B FAD C . 12.18 -5.78 -17.01
O2B FAD C . 12.79 -4.59 -17.47
C1B FAD C . 11.57 -6.63 -18.11
N9A FAD C . 10.28 -6.20 -18.63
C8A FAD C . 9.09 -6.06 -17.95
N7A FAD C . 8.11 -5.68 -18.73
C5A FAD C . 8.69 -5.59 -19.99
C6A FAD C . 8.15 -5.26 -21.24
N6A FAD C . 6.87 -4.97 -21.42
N1A FAD C . 9.00 -5.28 -22.29
C2A FAD C . 10.28 -5.61 -22.08
N3A FAD C . 10.89 -5.94 -20.96
C4A FAD C . 10.01 -5.92 -19.94
N1 FAD C . 17.55 -12.92 -4.93
C2 FAD C . 18.62 -13.66 -4.52
O2 FAD C . 18.87 -14.79 -5.01
N3 FAD C . 19.36 -13.26 -3.45
C4 FAD C . 19.15 -12.08 -2.79
O4 FAD C . 19.92 -11.73 -1.91
C4X FAD C . 18.16 -11.23 -3.30
N5 FAD C . 17.98 -10.07 -2.74
C5X FAD C . 17.13 -9.21 -3.37
C6 FAD C . 17.08 -7.90 -2.87
C7 FAD C . 16.33 -6.93 -3.50
C7M FAD C . 16.35 -5.53 -2.96
C8 FAD C . 15.56 -7.28 -4.63
C8M FAD C . 14.71 -6.24 -5.31
C9 FAD C . 15.48 -8.61 -5.03
C9A FAD C . 16.34 -9.58 -4.47
N10 FAD C . 16.42 -10.90 -4.93
C10 FAD C . 17.38 -11.74 -4.40
C1' FAD C . 15.54 -11.38 -6.00
C2' FAD C . 16.11 -11.49 -7.35
O2' FAD C . 16.74 -10.24 -7.66
C3' FAD C . 14.91 -11.74 -8.25
O3' FAD C . 14.05 -12.73 -7.70
C4' FAD C . 15.25 -12.16 -9.68
O4' FAD C . 16.37 -11.38 -10.11
C5' FAD C . 14.07 -11.93 -10.57
O5' FAD C . 14.23 -12.61 -11.84
P FAD C . 13.00 -12.62 -12.79
O1P FAD C . 13.25 -13.52 -13.97
O2P FAD C . 11.74 -12.77 -12.00
O3P FAD C . 13.00 -11.18 -13.42
PA FAD D . -17.99 9.74 -4.69
O1A FAD D . -18.72 9.53 -3.39
O2A FAD D . -16.60 9.22 -4.75
O5B FAD D . -18.84 9.17 -5.92
C5B FAD D . -18.20 8.94 -7.20
C4B FAD D . -19.15 8.18 -8.10
O4B FAD D . -18.57 7.99 -9.42
C3B FAD D . -19.51 6.77 -7.59
O3B FAD D . -20.90 6.73 -7.30
C2B FAD D . -19.05 5.83 -8.72
O2B FAD D . -19.90 4.72 -8.90
C1B FAD D . -19.04 6.77 -9.92
N9A FAD D . -18.15 6.35 -11.02
C8A FAD D . -16.80 6.15 -10.94
N7A FAD D . -16.27 5.81 -12.10
C5A FAD D . -17.36 5.75 -12.96
C6A FAD D . -17.45 5.43 -14.32
N6A FAD D . -16.40 5.10 -15.07
N1A FAD D . -18.68 5.47 -14.87
C2A FAD D . -19.72 5.81 -14.11
N3A FAD D . -19.76 6.13 -12.82
C4A FAD D . -18.51 6.10 -12.30
N1 FAD D . -17.70 12.80 4.80
C2 FAD D . -18.46 13.52 5.67
O2 FAD D . -18.87 14.64 5.36
N3 FAD D . -18.68 13.11 6.93
C4 FAD D . -18.24 11.90 7.42
O4 FAD D . -18.59 11.55 8.54
C4X FAD D . -17.57 11.04 6.49
N5 FAD D . -17.20 9.85 6.87
C5X FAD D . -16.70 9.01 5.91
C6 FAD D . -16.43 7.69 6.29
C7 FAD D . -16.01 6.75 5.37
C7M FAD D . -15.79 5.32 5.79
C8 FAD D . -15.82 7.14 4.03
C8M FAD D . -15.35 6.13 3.02
C9 FAD D . -15.94 8.48 3.68
C9A FAD D . -16.45 9.42 4.58
N10 FAD D . -16.72 10.76 4.24
C10 FAD D . -17.34 11.58 5.15
C1' FAD D . -16.42 11.28 2.89
C2' FAD D . -17.58 11.45 1.98
O2' FAD D . -18.38 10.28 2.04
C3' FAD D . -17.02 11.71 0.58
O3' FAD D . -16.02 12.75 0.63
C4' FAD D . -18.04 12.12 -0.49
O4' FAD D . -19.24 11.35 -0.39
C5' FAD D . -17.44 11.99 -1.86
O5' FAD D . -18.33 12.43 -2.89
P FAD D . -17.75 12.68 -4.36
O1P FAD D . -18.59 13.69 -5.06
O2P FAD D . -16.27 12.95 -4.34
O3P FAD D . -17.99 11.27 -5.09
N ARG E . -12.33 12.94 8.15
CA ARG E . -12.73 11.54 7.80
C ARG E . -14.01 11.18 8.56
O ARG E . -14.31 10.00 8.78
CB ARG E . -11.63 10.51 8.12
CG ARG E . -10.19 11.00 7.99
CD ARG E . -9.58 10.95 6.58
NE ARG E . -8.53 11.96 6.43
CZ ARG E . -8.28 12.69 5.33
NH1 ARG E . -9.03 12.55 4.24
NH2 ARG E . -7.31 13.58 5.32
OXT ARG E . -14.76 12.07 8.99
#